data_1Y2P
#
_entry.id   1Y2P
#
_entity_poly.entity_id   1
_entity_poly.type   'polypeptide(L)'
_entity_poly.pdbx_seq_one_letter_code
;ASCRTPKDCADPCRKETGCPYGKCMNRKCKCNRC
;
_entity_poly.pdbx_strand_id   A
#
# COMPACT_ATOMS: atom_id res chain seq x y z
N ALA A 1 -6.28 -5.30 -3.68
CA ALA A 1 -5.79 -4.08 -2.98
C ALA A 1 -6.23 -2.83 -3.71
N SER A 2 -7.05 -2.03 -3.05
CA SER A 2 -7.52 -0.77 -3.60
C SER A 2 -7.35 0.34 -2.57
N CYS A 3 -6.64 1.38 -2.93
CA CYS A 3 -6.32 2.45 -2.00
C CYS A 3 -7.05 3.75 -2.34
N ARG A 4 -7.04 4.66 -1.40
CA ARG A 4 -7.54 6.00 -1.62
C ARG A 4 -6.40 7.00 -1.43
N THR A 5 -5.48 6.64 -0.56
CA THR A 5 -4.30 7.45 -0.26
C THR A 5 -3.05 6.57 -0.25
N PRO A 6 -1.85 7.16 -0.30
CA PRO A 6 -0.58 6.42 -0.26
C PRO A 6 -0.52 5.49 0.95
N LYS A 7 -0.82 6.03 2.12
CA LYS A 7 -0.79 5.25 3.34
C LYS A 7 -1.98 4.30 3.39
N ASP A 8 -2.84 4.35 2.39
CA ASP A 8 -3.98 3.43 2.34
C ASP A 8 -3.53 2.05 1.86
N CYS A 9 -2.39 1.99 1.18
CA CYS A 9 -1.81 0.71 0.79
C CYS A 9 -1.01 0.13 1.95
N ALA A 10 -0.95 0.85 3.07
CA ALA A 10 -0.22 0.38 4.23
C ALA A 10 -0.88 -0.86 4.80
N ASP A 11 -2.17 -1.01 4.56
CA ASP A 11 -2.92 -2.15 5.04
C ASP A 11 -2.58 -3.37 4.17
N PRO A 12 -2.76 -3.28 2.82
CA PRO A 12 -2.29 -4.33 1.91
C PRO A 12 -0.79 -4.60 1.99
N CYS A 13 0.04 -3.56 2.06
CA CYS A 13 1.48 -3.75 2.20
C CYS A 13 1.82 -4.50 3.48
N ARG A 14 1.05 -4.26 4.53
CA ARG A 14 1.21 -5.03 5.76
C ARG A 14 0.82 -6.50 5.57
N LYS A 15 0.10 -6.78 4.49
CA LYS A 15 -0.19 -8.16 4.11
C LYS A 15 0.90 -8.67 3.18
N GLU A 16 1.33 -7.79 2.29
CA GLU A 16 2.32 -8.10 1.29
C GLU A 16 3.68 -8.34 1.88
N THR A 17 4.18 -7.35 2.61
CA THR A 17 5.52 -7.41 3.16
C THR A 17 5.45 -7.47 4.69
N GLY A 18 4.31 -7.05 5.22
CA GLY A 18 4.12 -7.04 6.64
C GLY A 18 4.38 -5.67 7.23
N CYS A 19 4.90 -4.78 6.40
CA CYS A 19 5.22 -3.44 6.80
C CYS A 19 4.13 -2.49 6.34
N PRO A 20 3.61 -1.65 7.26
CA PRO A 20 2.57 -0.68 6.92
C PRO A 20 3.12 0.53 6.16
N TYR A 21 3.80 0.26 5.05
CA TYR A 21 4.33 1.29 4.18
C TYR A 21 3.64 1.24 2.83
N GLY A 22 4.13 2.03 1.91
CA GLY A 22 3.63 1.98 0.56
C GLY A 22 3.18 3.32 0.03
N LYS A 23 2.59 3.30 -1.14
CA LYS A 23 2.09 4.49 -1.78
C LYS A 23 0.92 4.12 -2.68
N CYS A 24 0.09 5.08 -3.01
CA CYS A 24 -1.06 4.81 -3.85
C CYS A 24 -0.91 5.59 -5.15
N MET A 25 -1.09 4.93 -6.28
CA MET A 25 -0.99 5.62 -7.55
C MET A 25 -2.36 6.21 -7.87
N ASN A 26 -2.43 7.03 -8.92
CA ASN A 26 -3.66 7.72 -9.29
C ASN A 26 -4.89 6.83 -9.13
N ARG A 27 -4.82 5.62 -9.66
CA ARG A 27 -5.82 4.59 -9.36
C ARG A 27 -5.15 3.23 -9.22
N LYS A 28 -3.99 3.20 -8.58
CA LYS A 28 -3.29 1.98 -8.31
C LYS A 28 -2.77 1.98 -6.89
N CYS A 29 -2.26 0.88 -6.44
CA CYS A 29 -1.81 0.71 -5.06
C CYS A 29 -0.43 0.09 -5.07
N LYS A 30 0.46 0.67 -4.31
CA LYS A 30 1.83 0.17 -4.24
C LYS A 30 2.26 -0.03 -2.80
N CYS A 31 3.05 -1.05 -2.59
CA CYS A 31 3.64 -1.30 -1.30
C CYS A 31 5.15 -1.22 -1.38
N ASN A 32 5.75 -1.02 -0.25
CA ASN A 32 7.20 -0.94 -0.17
C ASN A 32 7.76 -2.30 0.24
N ARG A 33 7.55 -3.28 -0.63
CA ARG A 33 8.11 -4.60 -0.42
C ARG A 33 9.62 -4.53 -0.51
N CYS A 34 10.28 -4.70 0.62
CA CYS A 34 11.73 -4.64 0.68
C CYS A 34 12.27 -5.95 1.24
N ALA A 1 -3.20 -4.74 -3.39
CA ALA A 1 -3.53 -3.61 -2.49
C ALA A 1 -4.34 -2.57 -3.23
N SER A 2 -5.47 -2.19 -2.64
CA SER A 2 -6.33 -1.16 -3.18
C SER A 2 -6.37 0.01 -2.21
N CYS A 3 -6.07 1.20 -2.69
CA CYS A 3 -5.89 2.37 -1.82
C CYS A 3 -6.82 3.51 -2.14
N ARG A 4 -6.98 4.36 -1.16
CA ARG A 4 -7.59 5.66 -1.31
C ARG A 4 -6.49 6.71 -1.23
N THR A 5 -5.52 6.39 -0.41
CA THR A 5 -4.33 7.21 -0.23
C THR A 5 -3.10 6.30 -0.09
N PRO A 6 -1.87 6.87 -0.17
CA PRO A 6 -0.63 6.10 -0.02
C PRO A 6 -0.61 5.24 1.24
N LYS A 7 -0.82 5.89 2.37
CA LYS A 7 -0.81 5.20 3.64
C LYS A 7 -2.16 4.55 3.94
N ASP A 8 -3.06 4.61 2.97
CA ASP A 8 -4.32 3.86 3.07
C ASP A 8 -4.04 2.39 2.81
N CYS A 9 -2.97 2.13 2.07
CA CYS A 9 -2.50 0.78 1.85
C CYS A 9 -1.61 0.31 2.97
N ALA A 10 -1.57 1.03 4.07
CA ALA A 10 -0.72 0.64 5.17
C ALA A 10 -1.26 -0.62 5.82
N ASP A 11 -2.55 -0.82 5.70
CA ASP A 11 -3.18 -2.03 6.17
C ASP A 11 -3.01 -3.12 5.11
N PRO A 12 -3.53 -2.91 3.88
CA PRO A 12 -3.28 -3.79 2.74
C PRO A 12 -1.84 -4.24 2.61
N CYS A 13 -0.89 -3.30 2.53
CA CYS A 13 0.49 -3.67 2.34
C CYS A 13 1.00 -4.46 3.54
N ARG A 14 0.51 -4.13 4.72
CA ARG A 14 0.89 -4.88 5.91
C ARG A 14 0.27 -6.28 5.88
N LYS A 15 -0.79 -6.45 5.12
CA LYS A 15 -1.40 -7.76 4.98
C LYS A 15 -0.71 -8.54 3.87
N GLU A 16 -0.36 -7.83 2.81
CA GLU A 16 0.17 -8.41 1.62
C GLU A 16 1.67 -8.68 1.72
N THR A 17 2.42 -7.69 2.18
CA THR A 17 3.87 -7.84 2.25
C THR A 17 4.36 -7.69 3.68
N GLY A 18 3.48 -7.23 4.54
CA GLY A 18 3.78 -7.11 5.95
C GLY A 18 4.35 -5.75 6.30
N CYS A 19 4.57 -4.94 5.28
CA CYS A 19 5.11 -3.61 5.47
C CYS A 19 3.99 -2.59 5.48
N PRO A 20 3.83 -1.85 6.59
CA PRO A 20 2.75 -0.87 6.74
C PRO A 20 3.06 0.47 6.04
N TYR A 21 3.89 0.42 5.02
CA TYR A 21 4.19 1.59 4.24
C TYR A 21 4.12 1.30 2.76
N GLY A 22 4.04 2.36 1.98
CA GLY A 22 3.86 2.24 0.55
C GLY A 22 3.32 3.50 -0.04
N LYS A 23 2.88 3.41 -1.29
CA LYS A 23 2.37 4.57 -2.00
C LYS A 23 1.16 4.16 -2.83
N CYS A 24 0.38 5.13 -3.24
CA CYS A 24 -0.80 4.87 -4.03
C CYS A 24 -0.71 5.62 -5.36
N MET A 25 -1.02 4.94 -6.45
CA MET A 25 -0.96 5.54 -7.77
C MET A 25 -2.33 6.13 -8.10
N ASN A 26 -2.45 6.79 -9.25
CA ASN A 26 -3.71 7.42 -9.68
C ASN A 26 -4.92 6.59 -9.28
N ARG A 27 -4.95 5.34 -9.68
CA ARG A 27 -5.93 4.40 -9.16
C ARG A 27 -5.30 3.02 -8.96
N LYS A 28 -4.05 3.03 -8.53
CA LYS A 28 -3.34 1.82 -8.19
C LYS A 28 -2.70 1.99 -6.83
N CYS A 29 -2.14 0.94 -6.30
CA CYS A 29 -1.39 1.00 -5.07
C CYS A 29 -0.15 0.19 -5.20
N LYS A 30 0.93 0.71 -4.66
CA LYS A 30 2.18 0.01 -4.65
C LYS A 30 2.95 0.29 -3.40
N CYS A 31 3.30 -0.77 -2.72
CA CYS A 31 3.90 -0.72 -1.43
C CYS A 31 5.37 -0.36 -1.53
N ASN A 32 5.95 -0.04 -0.39
CA ASN A 32 7.37 0.25 -0.31
C ASN A 32 8.07 -0.96 0.26
N ARG A 33 8.02 -2.05 -0.48
CA ARG A 33 8.61 -3.32 -0.06
C ARG A 33 10.11 -3.14 0.19
N CYS A 34 10.47 -3.04 1.47
CA CYS A 34 11.86 -2.87 1.85
C CYS A 34 12.01 -3.24 3.32
N ALA A 1 -5.83 -4.81 -3.49
CA ALA A 1 -5.22 -3.59 -2.94
C ALA A 1 -6.00 -2.35 -3.37
N SER A 2 -7.16 -2.14 -2.77
CA SER A 2 -7.96 -0.97 -3.05
C SER A 2 -7.42 0.22 -2.29
N CYS A 3 -7.00 1.24 -3.01
CA CYS A 3 -6.33 2.36 -2.39
C CYS A 3 -6.92 3.70 -2.80
N ARG A 4 -6.66 4.65 -1.92
CA ARG A 4 -6.96 6.04 -2.11
C ARG A 4 -5.72 6.87 -1.81
N THR A 5 -4.89 6.34 -0.93
CA THR A 5 -3.71 7.03 -0.41
C THR A 5 -2.67 6.01 0.04
N PRO A 6 -1.40 6.41 0.17
CA PRO A 6 -0.32 5.49 0.56
C PRO A 6 -0.66 4.67 1.80
N LYS A 7 -1.16 5.35 2.83
CA LYS A 7 -1.55 4.72 4.06
C LYS A 7 -2.77 3.81 3.88
N ASP A 8 -3.47 3.97 2.77
CA ASP A 8 -4.66 3.17 2.52
C ASP A 8 -4.25 1.77 2.07
N CYS A 9 -2.96 1.59 1.79
CA CYS A 9 -2.40 0.30 1.47
C CYS A 9 -1.59 -0.24 2.63
N ALA A 10 -1.76 0.34 3.81
CA ALA A 10 -0.98 -0.08 4.95
C ALA A 10 -1.34 -1.50 5.37
N ASP A 11 -2.56 -1.91 5.08
CA ASP A 11 -2.99 -3.27 5.40
C ASP A 11 -2.51 -4.23 4.31
N PRO A 12 -2.74 -3.93 3.01
CA PRO A 12 -2.21 -4.73 1.93
C PRO A 12 -0.70 -4.87 1.98
N CYS A 13 -0.01 -3.79 2.33
CA CYS A 13 1.46 -3.84 2.43
C CYS A 13 1.89 -4.62 3.65
N ARG A 14 1.11 -4.50 4.72
CA ARG A 14 1.31 -5.35 5.89
C ARG A 14 1.13 -6.82 5.50
N LYS A 15 0.28 -7.06 4.52
CA LYS A 15 0.03 -8.41 4.06
C LYS A 15 1.11 -8.83 3.07
N GLU A 16 1.56 -7.86 2.30
CA GLU A 16 2.57 -8.03 1.30
C GLU A 16 3.97 -8.23 1.90
N THR A 17 4.42 -7.24 2.65
CA THR A 17 5.80 -7.26 3.14
C THR A 17 5.82 -7.26 4.66
N GLY A 18 4.67 -6.98 5.25
CA GLY A 18 4.57 -6.97 6.69
C GLY A 18 4.77 -5.59 7.29
N CYS A 19 4.97 -4.61 6.42
CA CYS A 19 5.16 -3.25 6.85
C CYS A 19 3.98 -2.39 6.41
N PRO A 20 3.47 -1.52 7.29
CA PRO A 20 2.32 -0.68 6.98
C PRO A 20 2.70 0.58 6.19
N TYR A 21 3.52 0.40 5.16
CA TYR A 21 3.96 1.51 4.32
C TYR A 21 3.42 1.34 2.91
N GLY A 22 3.80 2.24 2.03
CA GLY A 22 3.43 2.11 0.65
C GLY A 22 3.18 3.44 -0.02
N LYS A 23 2.72 3.39 -1.26
CA LYS A 23 2.40 4.58 -2.02
C LYS A 23 1.24 4.25 -2.95
N CYS A 24 0.48 5.25 -3.34
CA CYS A 24 -0.69 5.01 -4.14
C CYS A 24 -0.52 5.66 -5.51
N MET A 25 -0.87 4.94 -6.57
CA MET A 25 -0.78 5.51 -7.91
C MET A 25 -2.09 6.24 -8.21
N ASN A 26 -2.15 6.94 -9.34
CA ASN A 26 -3.35 7.71 -9.75
C ASN A 26 -4.64 7.09 -9.24
N ARG A 27 -4.84 5.83 -9.59
CA ARG A 27 -5.92 5.03 -9.01
C ARG A 27 -5.43 3.61 -8.80
N LYS A 28 -4.21 3.50 -8.31
CA LYS A 28 -3.58 2.22 -8.07
C LYS A 28 -2.93 2.23 -6.71
N CYS A 29 -2.45 1.09 -6.30
CA CYS A 29 -1.81 0.93 -5.01
C CYS A 29 -0.49 0.22 -5.15
N LYS A 30 0.48 0.70 -4.41
CA LYS A 30 1.77 0.03 -4.32
C LYS A 30 2.24 -0.01 -2.87
N CYS A 31 2.91 -1.07 -2.52
CA CYS A 31 3.46 -1.22 -1.20
C CYS A 31 4.97 -1.16 -1.23
N ASN A 32 5.55 -0.81 -0.09
CA ASN A 32 6.99 -0.74 0.04
C ASN A 32 7.55 -2.13 0.33
N ARG A 33 7.22 -3.04 -0.57
CA ARG A 33 7.64 -4.43 -0.45
C ARG A 33 9.12 -4.56 -0.78
N CYS A 34 9.91 -4.79 0.25
CA CYS A 34 11.35 -4.91 0.09
C CYS A 34 11.72 -6.28 -0.43
N ALA A 1 -5.80 -4.25 -4.05
CA ALA A 1 -6.34 -3.33 -3.03
C ALA A 1 -7.04 -2.15 -3.68
N SER A 2 -8.18 -1.77 -3.12
CA SER A 2 -8.94 -0.63 -3.62
C SER A 2 -8.46 0.65 -2.93
N CYS A 3 -7.25 1.07 -3.24
CA CYS A 3 -6.61 2.15 -2.51
C CYS A 3 -7.12 3.51 -2.91
N ARG A 4 -7.00 4.40 -1.96
CA ARG A 4 -7.29 5.80 -2.14
C ARG A 4 -6.05 6.62 -1.79
N THR A 5 -5.25 6.09 -0.87
CA THR A 5 -4.11 6.78 -0.29
C THR A 5 -3.12 5.77 0.30
N PRO A 6 -1.87 6.16 0.57
CA PRO A 6 -0.86 5.26 1.13
C PRO A 6 -1.34 4.61 2.43
N LYS A 7 -2.07 5.40 3.21
CA LYS A 7 -2.68 4.92 4.45
C LYS A 7 -3.63 3.76 4.18
N ASP A 8 -4.19 3.72 2.98
CA ASP A 8 -5.25 2.76 2.68
C ASP A 8 -4.68 1.35 2.49
N CYS A 9 -3.45 1.26 2.04
CA CYS A 9 -2.82 -0.04 1.80
C CYS A 9 -1.89 -0.43 2.92
N ALA A 10 -1.77 0.39 3.94
CA ALA A 10 -0.80 0.14 5.00
C ALA A 10 -1.09 -1.18 5.72
N ASP A 11 -2.36 -1.51 5.85
CA ASP A 11 -2.72 -2.78 6.47
C ASP A 11 -2.46 -3.92 5.50
N PRO A 12 -3.07 -3.91 4.29
CA PRO A 12 -2.81 -4.91 3.27
C PRO A 12 -1.34 -5.12 2.96
N CYS A 13 -0.57 -4.04 2.80
CA CYS A 13 0.83 -4.17 2.46
C CYS A 13 1.61 -4.78 3.61
N ARG A 14 1.14 -4.54 4.82
CA ARG A 14 1.71 -5.18 6.00
C ARG A 14 1.38 -6.67 6.02
N LYS A 15 0.31 -7.05 5.33
CA LYS A 15 -0.15 -8.42 5.35
C LYS A 15 0.41 -9.16 4.15
N GLU A 16 0.57 -8.42 3.07
CA GLU A 16 1.01 -8.95 1.80
C GLU A 16 2.52 -8.90 1.66
N THR A 17 3.12 -7.81 2.10
CA THR A 17 4.54 -7.59 1.88
C THR A 17 5.29 -7.56 3.21
N GLY A 18 4.58 -7.23 4.26
CA GLY A 18 5.19 -7.16 5.57
C GLY A 18 5.71 -5.79 5.88
N CYS A 19 5.13 -4.79 5.25
CA CYS A 19 5.51 -3.40 5.47
C CYS A 19 4.27 -2.53 5.45
N PRO A 20 4.00 -1.80 6.54
CA PRO A 20 2.85 -0.91 6.63
C PRO A 20 3.06 0.42 5.90
N TYR A 21 3.90 0.39 4.88
CA TYR A 21 4.22 1.57 4.11
C TYR A 21 4.05 1.29 2.64
N GLY A 22 4.21 2.33 1.84
CA GLY A 22 4.04 2.21 0.41
C GLY A 22 3.61 3.50 -0.21
N LYS A 23 3.08 3.41 -1.42
CA LYS A 23 2.61 4.58 -2.13
C LYS A 23 1.41 4.19 -2.95
N CYS A 24 0.48 5.10 -3.10
CA CYS A 24 -0.73 4.82 -3.84
C CYS A 24 -0.68 5.58 -5.16
N MET A 25 -1.09 4.93 -6.24
CA MET A 25 -1.08 5.57 -7.54
C MET A 25 -2.42 6.28 -7.77
N ASN A 26 -2.54 6.99 -8.88
CA ASN A 26 -3.77 7.71 -9.22
C ASN A 26 -5.02 6.87 -8.97
N ARG A 27 -4.95 5.61 -9.36
CA ARG A 27 -6.05 4.69 -9.13
C ARG A 27 -5.53 3.29 -8.81
N LYS A 28 -4.31 3.25 -8.30
CA LYS A 28 -3.64 1.98 -7.99
C LYS A 28 -2.90 2.13 -6.68
N CYS A 29 -2.23 1.08 -6.27
CA CYS A 29 -1.45 1.13 -5.05
C CYS A 29 -0.23 0.23 -5.17
N LYS A 30 0.85 0.66 -4.55
CA LYS A 30 2.05 -0.15 -4.45
C LYS A 30 2.62 -0.07 -3.05
N CYS A 31 3.11 -1.17 -2.55
CA CYS A 31 3.64 -1.25 -1.22
C CYS A 31 5.14 -0.97 -1.24
N ASN A 32 5.66 -0.57 -0.09
CA ASN A 32 7.09 -0.29 0.03
C ASN A 32 7.85 -1.55 0.38
N ARG A 33 8.12 -2.37 -0.63
CA ARG A 33 8.97 -3.54 -0.45
C ARG A 33 10.41 -3.11 -0.18
N CYS A 34 10.70 -2.82 1.08
CA CYS A 34 12.03 -2.46 1.50
C CYS A 34 12.48 -3.41 2.61
N ALA A 1 -3.56 -5.37 -3.98
CA ALA A 1 -4.01 -4.44 -2.95
C ALA A 1 -4.24 -3.05 -3.53
N SER A 2 -5.42 -2.51 -3.31
CA SER A 2 -5.79 -1.24 -3.87
C SER A 2 -5.76 -0.16 -2.78
N CYS A 3 -6.18 1.03 -3.13
CA CYS A 3 -6.09 2.16 -2.22
C CYS A 3 -6.92 3.33 -2.69
N ARG A 4 -7.15 4.26 -1.77
CA ARG A 4 -7.63 5.58 -2.10
C ARG A 4 -6.50 6.57 -1.87
N THR A 5 -5.69 6.25 -0.86
CA THR A 5 -4.52 7.03 -0.52
C THR A 5 -3.39 6.09 -0.06
N PRO A 6 -2.14 6.58 0.09
CA PRO A 6 -1.03 5.75 0.55
C PRO A 6 -1.29 5.13 1.91
N LYS A 7 -1.73 5.97 2.85
CA LYS A 7 -2.08 5.50 4.19
C LYS A 7 -3.19 4.46 4.13
N ASP A 8 -4.00 4.53 3.07
CA ASP A 8 -5.13 3.62 2.91
C ASP A 8 -4.69 2.21 2.57
N CYS A 9 -3.52 2.07 1.95
CA CYS A 9 -2.99 0.76 1.63
C CYS A 9 -1.90 0.36 2.58
N ALA A 10 -1.59 1.17 3.56
CA ALA A 10 -0.52 0.85 4.50
C ALA A 10 -0.82 -0.44 5.27
N ASP A 11 -2.09 -0.77 5.39
CA ASP A 11 -2.47 -2.03 5.99
C ASP A 11 -2.43 -3.15 4.96
N PRO A 12 -3.16 -3.00 3.82
CA PRO A 12 -3.01 -3.89 2.66
C PRO A 12 -1.56 -4.25 2.33
N CYS A 13 -0.68 -3.27 2.26
CA CYS A 13 0.72 -3.53 2.03
C CYS A 13 1.35 -4.32 3.17
N ARG A 14 0.91 -4.03 4.39
CA ARG A 14 1.31 -4.82 5.54
C ARG A 14 0.71 -6.23 5.48
N LYS A 15 -0.26 -6.42 4.60
CA LYS A 15 -0.80 -7.75 4.31
C LYS A 15 -0.04 -8.37 3.14
N GLU A 16 0.32 -7.50 2.19
CA GLU A 16 1.05 -7.90 1.01
C GLU A 16 2.44 -8.35 1.37
N THR A 17 3.23 -7.41 1.82
CA THR A 17 4.63 -7.64 2.10
C THR A 17 4.86 -7.76 3.59
N GLY A 18 3.97 -7.13 4.32
CA GLY A 18 4.08 -7.11 5.76
C GLY A 18 4.64 -5.80 6.26
N CYS A 19 5.03 -4.96 5.32
CA CYS A 19 5.55 -3.64 5.63
C CYS A 19 4.41 -2.63 5.59
N PRO A 20 4.18 -1.90 6.69
CA PRO A 20 3.10 -0.91 6.77
C PRO A 20 3.45 0.39 6.05
N TYR A 21 4.04 0.26 4.87
CA TYR A 21 4.40 1.38 4.04
C TYR A 21 3.95 1.14 2.62
N GLY A 22 4.15 2.13 1.79
CA GLY A 22 3.68 2.07 0.44
C GLY A 22 3.06 3.37 0.01
N LYS A 23 3.14 3.66 -1.27
CA LYS A 23 2.57 4.88 -1.82
C LYS A 23 1.50 4.51 -2.83
N CYS A 24 0.40 5.19 -2.79
CA CYS A 24 -0.71 4.86 -3.66
C CYS A 24 -0.68 5.75 -4.89
N MET A 25 -0.92 5.16 -6.04
CA MET A 25 -0.90 5.90 -7.28
C MET A 25 -2.32 6.29 -7.62
N ASN A 26 -2.48 6.95 -8.75
CA ASN A 26 -3.76 7.52 -9.15
C ASN A 26 -4.95 6.59 -8.88
N ARG A 27 -4.74 5.30 -9.07
CA ARG A 27 -5.81 4.33 -8.77
C ARG A 27 -5.23 3.04 -8.18
N LYS A 28 -3.91 2.96 -8.01
CA LYS A 28 -3.28 1.71 -7.58
C LYS A 28 -2.09 1.97 -6.68
N CYS A 29 -2.00 1.24 -5.60
CA CYS A 29 -0.96 1.45 -4.61
C CYS A 29 0.30 0.66 -4.95
N LYS A 30 1.43 1.21 -4.58
CA LYS A 30 2.70 0.51 -4.67
C LYS A 30 3.32 0.47 -3.30
N CYS A 31 3.46 -0.69 -2.79
CA CYS A 31 3.84 -0.93 -1.44
C CYS A 31 5.34 -1.05 -1.28
N ASN A 32 5.79 -1.06 -0.03
CA ASN A 32 7.18 -1.35 0.26
C ASN A 32 7.44 -2.84 0.07
N ARG A 33 7.55 -3.23 -1.19
CA ARG A 33 7.85 -4.60 -1.55
C ARG A 33 9.34 -4.74 -1.80
N CYS A 34 9.99 -5.57 -1.00
CA CYS A 34 11.43 -5.76 -1.11
C CYS A 34 11.79 -7.19 -0.71
N ALA A 1 -6.78 -4.63 -3.10
CA ALA A 1 -5.99 -3.42 -2.76
C ALA A 1 -6.48 -2.22 -3.56
N SER A 2 -7.31 -1.39 -2.93
CA SER A 2 -7.80 -0.17 -3.54
C SER A 2 -7.52 1.01 -2.61
N CYS A 3 -6.92 2.06 -3.14
CA CYS A 3 -6.50 3.16 -2.31
C CYS A 3 -7.09 4.50 -2.75
N ARG A 4 -7.26 5.36 -1.78
CA ARG A 4 -7.57 6.75 -2.01
C ARG A 4 -6.37 7.58 -1.58
N THR A 5 -5.63 7.02 -0.65
CA THR A 5 -4.40 7.61 -0.17
C THR A 5 -3.28 6.56 -0.20
N PRO A 6 -2.01 6.96 -0.11
CA PRO A 6 -0.89 6.03 -0.07
C PRO A 6 -0.99 5.09 1.12
N LYS A 7 -1.48 5.63 2.23
CA LYS A 7 -1.62 4.89 3.46
C LYS A 7 -2.72 3.83 3.33
N ASP A 8 -3.52 3.91 2.27
CA ASP A 8 -4.55 2.91 2.03
C ASP A 8 -3.94 1.56 1.68
N CYS A 9 -2.74 1.55 1.12
CA CYS A 9 -2.08 0.29 0.79
C CYS A 9 -1.26 -0.20 1.97
N ALA A 10 -1.11 0.62 2.99
CA ALA A 10 -0.21 0.30 4.08
C ALA A 10 -0.62 -0.96 4.84
N ASP A 11 -1.91 -1.20 4.97
CA ASP A 11 -2.37 -2.40 5.66
C ASP A 11 -2.13 -3.64 4.78
N PRO A 12 -2.65 -3.66 3.53
CA PRO A 12 -2.35 -4.73 2.58
C PRO A 12 -0.85 -4.94 2.40
N CYS A 13 -0.07 -3.88 2.32
CA CYS A 13 1.37 -4.02 2.21
C CYS A 13 1.95 -4.66 3.46
N ARG A 14 1.36 -4.40 4.61
CA ARG A 14 1.79 -5.06 5.83
C ARG A 14 1.37 -6.52 5.85
N LYS A 15 0.49 -6.91 4.92
CA LYS A 15 -0.02 -8.27 4.89
C LYS A 15 0.67 -9.02 3.77
N GLU A 16 1.00 -8.28 2.73
CA GLU A 16 1.62 -8.82 1.55
C GLU A 16 3.13 -8.85 1.72
N THR A 17 3.70 -7.77 2.22
CA THR A 17 5.14 -7.66 2.36
C THR A 17 5.53 -7.70 3.83
N GLY A 18 4.66 -7.14 4.64
CA GLY A 18 4.89 -7.09 6.07
C GLY A 18 5.29 -5.70 6.51
N CYS A 19 5.51 -4.83 5.54
CA CYS A 19 5.90 -3.47 5.80
C CYS A 19 4.68 -2.54 5.72
N PRO A 20 4.35 -1.87 6.83
CA PRO A 20 3.13 -1.04 6.92
C PRO A 20 3.29 0.35 6.31
N TYR A 21 3.90 0.41 5.13
CA TYR A 21 4.01 1.64 4.39
C TYR A 21 3.40 1.46 3.01
N GLY A 22 3.35 2.53 2.24
CA GLY A 22 2.84 2.41 0.89
C GLY A 22 2.63 3.74 0.22
N LYS A 23 2.45 3.68 -1.09
CA LYS A 23 2.17 4.84 -1.91
C LYS A 23 1.10 4.45 -2.91
N CYS A 24 0.14 5.31 -3.12
CA CYS A 24 -0.96 4.97 -4.00
C CYS A 24 -0.73 5.61 -5.36
N MET A 25 -0.87 4.83 -6.41
CA MET A 25 -0.67 5.34 -7.76
C MET A 25 -1.97 6.00 -8.21
N ASN A 26 -1.95 6.62 -9.39
CA ASN A 26 -3.12 7.35 -9.92
C ASN A 26 -4.44 6.65 -9.57
N ARG A 27 -4.48 5.35 -9.78
CA ARG A 27 -5.60 4.54 -9.34
C ARG A 27 -5.10 3.14 -8.97
N LYS A 28 -3.85 3.08 -8.52
CA LYS A 28 -3.21 1.81 -8.21
C LYS A 28 -2.60 1.87 -6.82
N CYS A 29 -2.11 0.76 -6.34
CA CYS A 29 -1.61 0.66 -4.99
C CYS A 29 -0.17 0.15 -5.00
N LYS A 30 0.67 0.81 -4.26
CA LYS A 30 2.07 0.42 -4.14
C LYS A 30 2.49 0.48 -2.68
N CYS A 31 3.51 -0.24 -2.34
CA CYS A 31 4.11 -0.11 -1.04
C CYS A 31 5.25 0.87 -1.09
N ASN A 32 5.65 1.35 0.06
CA ASN A 32 6.76 2.29 0.16
C ASN A 32 7.94 1.58 0.81
N ARG A 33 8.44 0.58 0.11
CA ARG A 33 9.53 -0.24 0.60
C ARG A 33 10.48 -0.54 -0.55
N CYS A 34 10.95 0.52 -1.17
CA CYS A 34 11.79 0.42 -2.35
C CYS A 34 12.33 1.80 -2.72
N ALA A 1 -7.11 -4.60 -2.73
CA ALA A 1 -7.02 -3.36 -1.93
C ALA A 1 -6.99 -2.14 -2.84
N SER A 2 -8.16 -1.63 -3.18
CA SER A 2 -8.28 -0.45 -4.02
C SER A 2 -7.95 0.79 -3.19
N CYS A 3 -6.81 1.39 -3.49
CA CYS A 3 -6.27 2.49 -2.70
C CYS A 3 -7.10 3.75 -2.78
N ARG A 4 -6.95 4.51 -1.73
CA ARG A 4 -7.52 5.85 -1.62
C ARG A 4 -6.40 6.82 -1.34
N THR A 5 -5.39 6.31 -0.66
CA THR A 5 -4.24 7.08 -0.21
C THR A 5 -3.04 6.15 0.00
N PRO A 6 -1.80 6.65 -0.03
CA PRO A 6 -0.60 5.83 0.13
C PRO A 6 -0.68 4.98 1.40
N LYS A 7 -1.17 5.58 2.47
CA LYS A 7 -1.30 4.89 3.74
C LYS A 7 -2.62 4.12 3.82
N ASP A 8 -3.41 4.13 2.74
CA ASP A 8 -4.66 3.37 2.74
C ASP A 8 -4.33 1.89 2.64
N CYS A 9 -3.31 1.57 1.87
CA CYS A 9 -2.88 0.19 1.71
C CYS A 9 -1.78 -0.14 2.71
N ALA A 10 -1.51 0.76 3.63
CA ALA A 10 -0.44 0.55 4.59
C ALA A 10 -0.70 -0.67 5.46
N ASP A 11 -1.98 -0.98 5.64
CA ASP A 11 -2.36 -2.13 6.44
C ASP A 11 -2.29 -3.41 5.59
N PRO A 12 -2.89 -3.42 4.38
CA PRO A 12 -2.72 -4.53 3.44
C PRO A 12 -1.26 -4.79 3.10
N CYS A 13 -0.47 -3.73 2.99
CA CYS A 13 0.94 -3.85 2.71
C CYS A 13 1.68 -4.47 3.89
N ARG A 14 1.15 -4.27 5.08
CA ARG A 14 1.68 -4.91 6.27
C ARG A 14 1.36 -6.41 6.24
N LYS A 15 0.36 -6.78 5.47
CA LYS A 15 0.01 -8.17 5.27
C LYS A 15 0.78 -8.74 4.08
N GLU A 16 0.96 -7.91 3.06
CA GLU A 16 1.60 -8.30 1.83
C GLU A 16 3.12 -8.34 1.96
N THR A 17 3.69 -7.25 2.46
CA THR A 17 5.13 -7.11 2.53
C THR A 17 5.59 -7.30 3.97
N GLY A 18 4.66 -7.04 4.87
CA GLY A 18 4.94 -7.11 6.27
C GLY A 18 5.26 -5.77 6.85
N CYS A 19 5.40 -4.78 5.96
CA CYS A 19 5.73 -3.43 6.34
C CYS A 19 4.55 -2.51 6.09
N PRO A 20 4.12 -1.74 7.09
CA PRO A 20 2.98 -0.83 6.98
C PRO A 20 3.31 0.45 6.20
N TYR A 21 3.96 0.28 5.05
CA TYR A 21 4.32 1.41 4.21
C TYR A 21 3.91 1.12 2.79
N GLY A 22 4.07 2.12 1.92
CA GLY A 22 3.62 1.99 0.55
C GLY A 22 3.41 3.31 -0.12
N LYS A 23 2.89 3.28 -1.33
CA LYS A 23 2.62 4.49 -2.10
C LYS A 23 1.47 4.22 -3.05
N CYS A 24 0.66 5.22 -3.32
CA CYS A 24 -0.52 5.02 -4.13
C CYS A 24 -0.27 5.50 -5.56
N MET A 25 -0.85 4.82 -6.54
CA MET A 25 -0.78 5.27 -7.92
C MET A 25 -2.07 6.02 -8.22
N ASN A 26 -2.11 6.74 -9.36
CA ASN A 26 -3.27 7.56 -9.74
C ASN A 26 -4.60 6.92 -9.33
N ARG A 27 -4.78 5.67 -9.72
CA ARG A 27 -5.89 4.86 -9.22
C ARG A 27 -5.40 3.43 -8.99
N LYS A 28 -4.28 3.32 -8.32
CA LYS A 28 -3.67 2.03 -8.01
C LYS A 28 -2.96 2.14 -6.69
N CYS A 29 -2.31 1.09 -6.29
CA CYS A 29 -1.58 1.10 -5.05
C CYS A 29 -0.32 0.25 -5.11
N LYS A 30 0.72 0.75 -4.49
CA LYS A 30 1.98 0.04 -4.39
C LYS A 30 2.39 -0.03 -2.92
N CYS A 31 3.16 -1.03 -2.57
CA CYS A 31 3.67 -1.14 -1.23
C CYS A 31 5.10 -0.68 -1.18
N ASN A 32 5.63 -0.66 0.02
CA ASN A 32 7.04 -0.33 0.23
C ASN A 32 7.86 -1.61 0.26
N ARG A 33 7.93 -2.25 -0.89
CA ARG A 33 8.73 -3.46 -1.04
C ARG A 33 10.18 -3.08 -1.30
N CYS A 34 11.06 -3.52 -0.41
CA CYS A 34 12.50 -3.26 -0.52
C CYS A 34 12.81 -1.80 -0.18
N ALA A 1 -5.84 -5.03 -3.56
CA ALA A 1 -5.91 -3.78 -2.78
C ALA A 1 -6.31 -2.61 -3.66
N SER A 2 -7.05 -1.68 -3.08
CA SER A 2 -7.45 -0.47 -3.75
C SER A 2 -7.40 0.68 -2.75
N CYS A 3 -6.81 1.80 -3.16
CA CYS A 3 -6.55 2.88 -2.23
C CYS A 3 -7.14 4.20 -2.66
N ARG A 4 -7.36 5.05 -1.68
CA ARG A 4 -7.61 6.45 -1.90
C ARG A 4 -6.34 7.21 -1.59
N THR A 5 -5.61 6.72 -0.60
CA THR A 5 -4.33 7.27 -0.19
C THR A 5 -3.34 6.13 0.09
N PRO A 6 -2.05 6.43 0.33
CA PRO A 6 -1.04 5.43 0.68
C PRO A 6 -1.43 4.65 1.93
N LYS A 7 -1.87 5.37 2.95
CA LYS A 7 -2.24 4.76 4.22
C LYS A 7 -3.33 3.71 4.03
N ASP A 8 -4.11 3.86 2.95
CA ASP A 8 -5.17 2.90 2.65
C ASP A 8 -4.68 1.47 2.66
N CYS A 9 -3.53 1.26 2.03
CA CYS A 9 -3.01 -0.08 1.86
C CYS A 9 -1.81 -0.34 2.75
N ALA A 10 -1.62 0.49 3.75
CA ALA A 10 -0.53 0.26 4.70
C ALA A 10 -0.84 -0.95 5.56
N ASP A 11 -2.11 -1.13 5.86
CA ASP A 11 -2.57 -2.30 6.60
C ASP A 11 -2.60 -3.51 5.66
N PRO A 12 -3.31 -3.40 4.50
CA PRO A 12 -3.20 -4.38 3.41
C PRO A 12 -1.79 -4.89 3.15
N CYS A 13 -0.82 -4.01 2.94
CA CYS A 13 0.55 -4.46 2.71
C CYS A 13 1.09 -5.17 3.95
N ARG A 14 0.70 -4.67 5.10
CA ARG A 14 1.05 -5.30 6.36
C ARG A 14 0.42 -6.69 6.48
N LYS A 15 -0.70 -6.88 5.80
CA LYS A 15 -1.32 -8.20 5.72
C LYS A 15 -0.63 -9.03 4.64
N GLU A 16 -0.29 -8.35 3.55
CA GLU A 16 0.30 -8.95 2.38
C GLU A 16 1.72 -9.42 2.65
N THR A 17 2.57 -8.46 2.92
CA THR A 17 4.00 -8.71 3.02
C THR A 17 4.53 -8.21 4.37
N GLY A 18 3.60 -7.87 5.23
CA GLY A 18 3.94 -7.43 6.58
C GLY A 18 4.64 -6.10 6.61
N CYS A 19 4.49 -5.33 5.54
CA CYS A 19 5.08 -4.01 5.45
C CYS A 19 4.00 -2.95 5.56
N PRO A 20 3.91 -2.24 6.69
CA PRO A 20 2.90 -1.20 6.87
C PRO A 20 3.29 0.10 6.15
N TYR A 21 3.67 -0.04 4.88
CA TYR A 21 4.16 1.07 4.11
C TYR A 21 3.48 1.12 2.75
N GLY A 22 3.97 2.02 1.91
CA GLY A 22 3.50 2.06 0.55
C GLY A 22 3.03 3.43 0.12
N LYS A 23 2.82 3.57 -1.16
CA LYS A 23 2.29 4.79 -1.75
C LYS A 23 1.18 4.39 -2.70
N CYS A 24 0.22 5.26 -2.92
CA CYS A 24 -0.92 4.90 -3.73
C CYS A 24 -0.78 5.50 -5.13
N MET A 25 -1.13 4.71 -6.14
CA MET A 25 -1.11 5.19 -7.51
C MET A 25 -2.51 5.66 -7.84
N ASN A 26 -2.69 6.23 -9.01
CA ASN A 26 -3.97 6.81 -9.41
C ASN A 26 -5.18 6.00 -8.95
N ARG A 27 -5.12 4.68 -9.02
CA ARG A 27 -6.22 3.87 -8.54
C ARG A 27 -5.73 2.66 -7.72
N LYS A 28 -4.42 2.49 -7.57
CA LYS A 28 -3.91 1.31 -6.89
C LYS A 28 -2.62 1.60 -6.15
N CYS A 29 -2.51 1.04 -4.98
CA CYS A 29 -1.40 1.28 -4.11
C CYS A 29 -0.24 0.36 -4.43
N LYS A 30 0.95 0.92 -4.36
CA LYS A 30 2.17 0.13 -4.42
C LYS A 30 2.92 0.29 -3.13
N CYS A 31 3.39 -0.79 -2.59
CA CYS A 31 3.94 -0.78 -1.26
C CYS A 31 5.45 -0.91 -1.29
N ASN A 32 6.03 -0.66 -0.14
CA ASN A 32 7.48 -0.68 0.01
C ASN A 32 7.97 -2.11 0.14
N ARG A 33 7.76 -2.88 -0.91
CA ARG A 33 8.26 -4.23 -1.01
C ARG A 33 9.72 -4.19 -1.47
N CYS A 34 10.58 -3.68 -0.60
CA CYS A 34 11.99 -3.52 -0.93
C CYS A 34 12.74 -4.81 -0.68
N ALA A 1 -5.35 -4.35 -4.19
CA ALA A 1 -5.82 -3.46 -3.11
C ALA A 1 -6.25 -2.12 -3.67
N SER A 2 -7.53 -1.79 -3.52
CA SER A 2 -8.06 -0.53 -4.01
C SER A 2 -7.78 0.58 -3.00
N CYS A 3 -6.67 1.28 -3.21
CA CYS A 3 -6.26 2.34 -2.29
C CYS A 3 -6.98 3.64 -2.58
N ARG A 4 -7.15 4.40 -1.52
CA ARG A 4 -7.68 5.73 -1.61
C ARG A 4 -6.55 6.74 -1.51
N THR A 5 -5.55 6.38 -0.73
CA THR A 5 -4.35 7.17 -0.57
C THR A 5 -3.16 6.25 -0.31
N PRO A 6 -1.92 6.76 -0.37
CA PRO A 6 -0.72 5.97 -0.09
C PRO A 6 -0.76 5.32 1.29
N LYS A 7 -1.04 6.12 2.30
CA LYS A 7 -1.09 5.61 3.66
C LYS A 7 -2.34 4.79 3.90
N ASP A 8 -3.29 4.84 2.96
CA ASP A 8 -4.49 4.03 3.07
C ASP A 8 -4.17 2.57 2.81
N CYS A 9 -3.30 2.32 1.84
CA CYS A 9 -2.92 0.96 1.52
C CYS A 9 -1.82 0.45 2.43
N ALA A 10 -1.31 1.30 3.29
CA ALA A 10 -0.24 0.89 4.18
C ALA A 10 -0.71 -0.21 5.14
N ASP A 11 -2.02 -0.29 5.34
CA ASP A 11 -2.59 -1.34 6.17
C ASP A 11 -2.72 -2.64 5.37
N PRO A 12 -3.45 -2.62 4.22
CA PRO A 12 -3.51 -3.77 3.32
C PRO A 12 -2.14 -4.25 2.83
N CYS A 13 -1.25 -3.33 2.48
CA CYS A 13 0.10 -3.69 2.07
C CYS A 13 0.84 -4.41 3.19
N ARG A 14 0.55 -4.03 4.43
CA ARG A 14 1.10 -4.70 5.59
C ARG A 14 0.56 -6.14 5.71
N LYS A 15 -0.53 -6.43 5.01
CA LYS A 15 -1.07 -7.79 5.00
C LYS A 15 -0.61 -8.49 3.75
N GLU A 16 -0.52 -7.71 2.69
CA GLU A 16 -0.22 -8.19 1.37
C GLU A 16 1.27 -8.51 1.23
N THR A 17 2.10 -7.62 1.71
CA THR A 17 3.53 -7.80 1.62
C THR A 17 4.11 -7.99 3.03
N GLY A 18 3.51 -7.29 3.98
CA GLY A 18 3.92 -7.43 5.36
C GLY A 18 4.46 -6.14 5.91
N CYS A 19 4.76 -5.21 5.02
CA CYS A 19 5.30 -3.93 5.39
C CYS A 19 4.20 -2.88 5.41
N PRO A 20 4.08 -2.12 6.50
CA PRO A 20 3.05 -1.08 6.64
C PRO A 20 3.42 0.20 5.89
N TYR A 21 4.06 0.05 4.74
CA TYR A 21 4.45 1.17 3.92
C TYR A 21 3.88 1.00 2.53
N GLY A 22 4.00 2.04 1.73
CA GLY A 22 3.48 2.00 0.39
C GLY A 22 2.91 3.32 -0.04
N LYS A 23 3.04 3.61 -1.32
CA LYS A 23 2.48 4.81 -1.89
C LYS A 23 1.48 4.45 -2.99
N CYS A 24 0.33 5.06 -2.96
CA CYS A 24 -0.71 4.73 -3.91
C CYS A 24 -0.68 5.70 -5.07
N MET A 25 -0.84 5.17 -6.27
CA MET A 25 -0.88 5.98 -7.48
C MET A 25 -2.33 6.31 -7.75
N ASN A 26 -2.59 7.02 -8.84
CA ASN A 26 -3.94 7.47 -9.20
C ASN A 26 -5.02 6.48 -8.76
N ARG A 27 -4.86 5.21 -9.12
CA ARG A 27 -5.78 4.18 -8.63
C ARG A 27 -5.04 2.89 -8.27
N LYS A 28 -3.71 2.93 -8.19
CA LYS A 28 -2.95 1.72 -7.89
C LYS A 28 -1.83 1.99 -6.91
N CYS A 29 -1.84 1.28 -5.82
CA CYS A 29 -0.85 1.46 -4.77
C CYS A 29 0.39 0.62 -5.04
N LYS A 30 1.52 1.15 -4.65
CA LYS A 30 2.75 0.41 -4.68
C LYS A 30 3.35 0.40 -3.29
N CYS A 31 3.27 -0.72 -2.68
CA CYS A 31 3.67 -0.92 -1.32
C CYS A 31 5.18 -1.01 -1.20
N ASN A 32 5.66 -1.10 0.03
CA ASN A 32 7.06 -1.40 0.28
C ASN A 32 7.33 -2.86 -0.07
N ARG A 33 7.44 -3.14 -1.36
CA ARG A 33 7.69 -4.47 -1.83
C ARG A 33 9.13 -4.62 -2.29
N CYS A 34 9.83 -5.56 -1.70
CA CYS A 34 11.21 -5.85 -2.06
C CYS A 34 11.25 -6.99 -3.07
N ALA A 1 -6.52 -4.79 -3.12
CA ALA A 1 -6.17 -3.66 -2.23
C ALA A 1 -6.17 -2.35 -3.02
N SER A 2 -7.33 -1.96 -3.49
CA SER A 2 -7.49 -0.70 -4.20
C SER A 2 -7.62 0.45 -3.20
N CYS A 3 -6.52 1.12 -2.94
CA CYS A 3 -6.48 2.16 -1.92
C CYS A 3 -6.95 3.50 -2.45
N ARG A 4 -7.22 4.40 -1.53
CA ARG A 4 -7.48 5.78 -1.86
C ARG A 4 -6.25 6.61 -1.54
N THR A 5 -5.52 6.16 -0.53
CA THR A 5 -4.30 6.83 -0.10
C THR A 5 -3.27 5.79 0.36
N PRO A 6 -2.00 6.20 0.57
CA PRO A 6 -0.95 5.29 1.06
C PRO A 6 -1.33 4.66 2.40
N LYS A 7 -1.81 5.49 3.33
CA LYS A 7 -2.21 5.01 4.64
C LYS A 7 -3.43 4.10 4.54
N ASP A 8 -4.14 4.21 3.43
CA ASP A 8 -5.33 3.40 3.19
C ASP A 8 -4.95 1.95 2.95
N CYS A 9 -3.74 1.72 2.44
CA CYS A 9 -3.27 0.39 2.16
C CYS A 9 -2.05 0.02 2.99
N ALA A 10 -1.83 0.74 4.06
CA ALA A 10 -0.68 0.44 4.91
C ALA A 10 -0.87 -0.92 5.57
N ASP A 11 -2.08 -1.20 6.00
CA ASP A 11 -2.38 -2.51 6.56
C ASP A 11 -2.46 -3.54 5.45
N PRO A 12 -3.30 -3.31 4.42
CA PRO A 12 -3.30 -4.10 3.18
C PRO A 12 -1.91 -4.49 2.69
N CYS A 13 -1.01 -3.54 2.49
CA CYS A 13 0.33 -3.86 2.03
C CYS A 13 1.11 -4.65 3.07
N ARG A 14 0.76 -4.47 4.34
CA ARG A 14 1.35 -5.27 5.40
C ARG A 14 0.77 -6.69 5.38
N LYS A 15 -0.39 -6.85 4.77
CA LYS A 15 -0.97 -8.17 4.57
C LYS A 15 -0.51 -8.75 3.24
N GLU A 16 -0.30 -7.87 2.29
CA GLU A 16 0.17 -8.20 0.97
C GLU A 16 1.60 -8.68 1.02
N THR A 17 2.47 -7.78 1.42
CA THR A 17 3.91 -8.05 1.40
C THR A 17 4.48 -8.03 2.82
N GLY A 18 3.78 -7.37 3.71
CA GLY A 18 4.20 -7.31 5.09
C GLY A 18 4.74 -5.95 5.48
N CYS A 19 4.92 -5.09 4.48
CA CYS A 19 5.41 -3.75 4.72
C CYS A 19 4.24 -2.78 4.86
N PRO A 20 4.07 -2.18 6.04
CA PRO A 20 2.97 -1.24 6.31
C PRO A 20 3.24 0.16 5.77
N TYR A 21 3.93 0.25 4.65
CA TYR A 21 4.26 1.51 4.04
C TYR A 21 4.06 1.43 2.54
N GLY A 22 4.21 2.56 1.87
CA GLY A 22 4.08 2.58 0.44
C GLY A 22 3.35 3.81 -0.07
N LYS A 23 2.92 3.72 -1.31
CA LYS A 23 2.19 4.80 -1.96
C LYS A 23 0.98 4.19 -2.66
N CYS A 24 0.04 5.02 -3.01
CA CYS A 24 -1.14 4.56 -3.72
C CYS A 24 -1.06 5.03 -5.16
N MET A 25 -1.10 4.09 -6.12
CA MET A 25 -0.82 4.44 -7.51
C MET A 25 -1.91 3.94 -8.43
N ASN A 26 -2.42 4.86 -9.23
CA ASN A 26 -3.46 4.58 -10.23
C ASN A 26 -4.63 3.80 -9.62
N ARG A 27 -5.15 4.34 -8.53
CA ARG A 27 -6.27 3.73 -7.78
C ARG A 27 -5.93 2.33 -7.30
N LYS A 28 -4.65 2.09 -7.11
CA LYS A 28 -4.12 0.85 -6.56
C LYS A 28 -3.02 1.22 -5.60
N CYS A 29 -2.41 0.26 -4.99
CA CYS A 29 -1.37 0.55 -4.02
C CYS A 29 -0.06 -0.04 -4.44
N LYS A 30 0.99 0.70 -4.18
CA LYS A 30 2.34 0.22 -4.38
C LYS A 30 3.10 0.38 -3.10
N CYS A 31 3.34 -0.73 -2.49
CA CYS A 31 3.88 -0.80 -1.17
C CYS A 31 5.38 -0.54 -1.19
N ASN A 32 5.86 0.14 -0.16
CA ASN A 32 7.28 0.45 -0.05
C ASN A 32 8.04 -0.79 0.36
N ARG A 33 8.25 -1.67 -0.61
CA ARG A 33 8.94 -2.93 -0.39
C ARG A 33 10.44 -2.70 -0.25
N CYS A 34 10.82 -2.17 0.90
CA CYS A 34 12.21 -1.92 1.22
C CYS A 34 12.73 -3.02 2.14
N ALA A 1 -3.49 -4.23 -3.80
CA ALA A 1 -4.79 -3.92 -3.17
C ALA A 1 -5.27 -2.54 -3.60
N SER A 2 -6.58 -2.34 -3.57
CA SER A 2 -7.18 -1.06 -3.88
C SER A 2 -7.01 -0.12 -2.69
N CYS A 3 -6.96 1.16 -2.97
CA CYS A 3 -6.62 2.16 -1.96
C CYS A 3 -6.98 3.57 -2.39
N ARG A 4 -6.95 4.47 -1.41
CA ARG A 4 -7.20 5.88 -1.62
C ARG A 4 -5.98 6.71 -1.20
N THR A 5 -5.23 6.20 -0.24
CA THR A 5 -4.09 6.91 0.33
C THR A 5 -3.06 5.91 0.88
N PRO A 6 -1.78 6.28 0.95
CA PRO A 6 -0.72 5.37 1.40
C PRO A 6 -1.05 4.71 2.74
N LYS A 7 -1.56 5.50 3.68
CA LYS A 7 -1.94 4.99 4.98
C LYS A 7 -3.22 4.15 4.88
N ASP A 8 -3.95 4.28 3.77
CA ASP A 8 -5.17 3.53 3.57
C ASP A 8 -4.86 2.11 3.15
N CYS A 9 -3.71 1.93 2.53
CA CYS A 9 -3.24 0.61 2.16
C CYS A 9 -2.10 0.19 3.05
N ALA A 10 -1.91 0.85 4.16
CA ALA A 10 -0.83 0.50 5.06
C ALA A 10 -1.10 -0.85 5.70
N ASP A 11 -2.35 -1.11 6.02
CA ASP A 11 -2.71 -2.41 6.57
C ASP A 11 -2.76 -3.44 5.45
N PRO A 12 -3.54 -3.19 4.37
CA PRO A 12 -3.49 -3.97 3.14
C PRO A 12 -2.09 -4.33 2.69
N CYS A 13 -1.22 -3.35 2.51
CA CYS A 13 0.14 -3.63 2.09
C CYS A 13 0.91 -4.40 3.15
N ARG A 14 0.56 -4.20 4.40
CA ARG A 14 1.14 -4.98 5.48
C ARG A 14 0.63 -6.42 5.46
N LYS A 15 -0.42 -6.65 4.69
CA LYS A 15 -0.97 -7.99 4.55
C LYS A 15 -0.55 -8.57 3.22
N GLU A 16 -0.45 -7.68 2.24
CA GLU A 16 -0.14 -8.02 0.87
C GLU A 16 1.35 -8.25 0.68
N THR A 17 2.18 -7.40 1.29
CA THR A 17 3.61 -7.54 1.18
C THR A 17 4.26 -7.68 2.55
N GLY A 18 3.62 -7.13 3.56
CA GLY A 18 4.09 -7.30 4.92
C GLY A 18 4.56 -6.01 5.56
N CYS A 19 4.62 -4.95 4.78
CA CYS A 19 5.07 -3.67 5.28
C CYS A 19 3.99 -2.61 5.09
N PRO A 20 3.72 -1.80 6.13
CA PRO A 20 2.69 -0.77 6.08
C PRO A 20 3.19 0.53 5.44
N TYR A 21 3.96 0.39 4.37
CA TYR A 21 4.52 1.53 3.68
C TYR A 21 4.14 1.48 2.22
N GLY A 22 4.52 2.52 1.50
CA GLY A 22 4.29 2.56 0.08
C GLY A 22 3.60 3.82 -0.36
N LYS A 23 3.13 3.78 -1.59
CA LYS A 23 2.44 4.89 -2.19
C LYS A 23 1.16 4.38 -2.81
N CYS A 24 0.17 5.21 -2.94
CA CYS A 24 -1.12 4.77 -3.40
C CYS A 24 -1.41 5.32 -4.79
N MET A 25 -2.08 4.53 -5.63
CA MET A 25 -2.43 4.95 -6.97
C MET A 25 -3.88 5.41 -6.98
N ASN A 26 -4.33 5.96 -8.10
CA ASN A 26 -5.69 6.49 -8.23
C ASN A 26 -6.74 5.54 -7.64
N ARG A 27 -6.64 4.25 -7.95
CA ARG A 27 -7.56 3.26 -7.40
C ARG A 27 -6.82 2.04 -6.88
N LYS A 28 -5.51 2.17 -6.71
CA LYS A 28 -4.67 1.06 -6.32
C LYS A 28 -3.65 1.54 -5.31
N CYS A 29 -2.77 0.67 -4.91
CA CYS A 29 -1.66 1.03 -4.06
C CYS A 29 -0.44 0.20 -4.38
N LYS A 30 0.71 0.80 -4.18
CA LYS A 30 1.97 0.10 -4.34
C LYS A 30 2.82 0.30 -3.13
N CYS A 31 3.16 -0.80 -2.54
CA CYS A 31 3.75 -0.83 -1.24
C CYS A 31 5.26 -0.74 -1.27
N ASN A 32 5.82 -0.17 -0.23
CA ASN A 32 7.26 -0.12 -0.03
C ASN A 32 7.64 -1.18 0.99
N ARG A 33 7.96 -2.37 0.49
CA ARG A 33 8.32 -3.49 1.36
C ARG A 33 9.65 -3.24 2.06
N CYS A 34 9.60 -2.49 3.14
CA CYS A 34 10.75 -2.25 3.99
C CYS A 34 10.27 -1.76 5.35
N ALA A 1 -5.23 -4.06 -4.98
CA ALA A 1 -5.71 -3.20 -3.89
C ALA A 1 -6.27 -1.90 -4.43
N SER A 2 -7.56 -1.67 -4.17
CA SER A 2 -8.22 -0.43 -4.57
C SER A 2 -7.95 0.65 -3.53
N CYS A 3 -7.03 1.55 -3.85
CA CYS A 3 -6.52 2.50 -2.87
C CYS A 3 -6.99 3.92 -3.13
N ARG A 4 -6.93 4.71 -2.07
CA ARG A 4 -7.22 6.12 -2.11
C ARG A 4 -6.03 6.92 -1.58
N THR A 5 -5.21 6.25 -0.76
CA THR A 5 -4.05 6.85 -0.11
C THR A 5 -3.07 5.75 0.31
N PRO A 6 -1.78 6.05 0.47
CA PRO A 6 -0.78 5.05 0.87
C PRO A 6 -1.19 4.37 2.17
N LYS A 7 -1.67 5.19 3.11
CA LYS A 7 -2.20 4.72 4.37
C LYS A 7 -3.37 3.75 4.16
N ASP A 8 -4.06 3.87 3.03
CA ASP A 8 -5.23 3.04 2.78
C ASP A 8 -4.80 1.62 2.48
N CYS A 9 -3.53 1.44 2.15
CA CYS A 9 -2.98 0.13 1.87
C CYS A 9 -2.07 -0.32 2.98
N ALA A 10 -2.11 0.37 4.11
CA ALA A 10 -1.19 0.05 5.19
C ALA A 10 -1.45 -1.34 5.74
N ASP A 11 -2.71 -1.73 5.77
CA ASP A 11 -3.06 -3.07 6.24
C ASP A 11 -2.72 -4.10 5.16
N PRO A 12 -3.26 -3.96 3.93
CA PRO A 12 -2.89 -4.83 2.81
C PRO A 12 -1.39 -4.93 2.57
N CYS A 13 -0.65 -3.83 2.68
CA CYS A 13 0.79 -3.88 2.49
C CYS A 13 1.47 -4.57 3.68
N ARG A 14 0.86 -4.47 4.85
CA ARG A 14 1.35 -5.18 6.01
C ARG A 14 1.03 -6.67 5.87
N LYS A 15 0.07 -6.99 5.02
CA LYS A 15 -0.26 -8.36 4.73
C LYS A 15 0.58 -8.87 3.57
N GLU A 16 0.83 -7.98 2.62
CA GLU A 16 1.58 -8.28 1.43
C GLU A 16 3.07 -8.38 1.71
N THR A 17 3.61 -7.28 2.22
CA THR A 17 5.05 -7.15 2.40
C THR A 17 5.38 -7.33 3.88
N GLY A 18 4.40 -7.01 4.69
CA GLY A 18 4.56 -7.13 6.12
C GLY A 18 4.72 -5.79 6.80
N CYS A 19 4.98 -4.77 5.99
CA CYS A 19 5.18 -3.43 6.50
C CYS A 19 4.01 -2.54 6.10
N PRO A 20 3.47 -1.76 7.05
CA PRO A 20 2.34 -0.86 6.78
C PRO A 20 2.78 0.43 6.08
N TYR A 21 3.55 0.29 5.02
CA TYR A 21 4.04 1.41 4.26
C TYR A 21 3.82 1.20 2.78
N GLY A 22 4.22 2.19 2.00
CA GLY A 22 4.03 2.14 0.57
C GLY A 22 3.58 3.45 0.01
N LYS A 23 3.19 3.46 -1.25
CA LYS A 23 2.74 4.67 -1.91
C LYS A 23 1.64 4.33 -2.92
N CYS A 24 0.67 5.20 -3.03
CA CYS A 24 -0.53 4.90 -3.80
C CYS A 24 -0.43 5.54 -5.19
N MET A 25 -1.06 4.92 -6.19
CA MET A 25 -1.14 5.51 -7.51
C MET A 25 -2.54 6.07 -7.69
N ASN A 26 -2.77 6.80 -8.77
CA ASN A 26 -4.07 7.43 -9.03
C ASN A 26 -5.22 6.48 -8.69
N ARG A 27 -5.24 5.33 -9.33
CA ARG A 27 -6.23 4.29 -9.01
C ARG A 27 -5.54 2.97 -8.71
N LYS A 28 -4.28 3.03 -8.28
CA LYS A 28 -3.52 1.83 -7.94
C LYS A 28 -2.84 2.06 -6.61
N CYS A 29 -2.10 1.06 -6.18
CA CYS A 29 -1.35 1.16 -4.95
C CYS A 29 -0.12 0.31 -5.01
N LYS A 30 0.94 0.79 -4.39
CA LYS A 30 2.17 0.03 -4.28
C LYS A 30 2.68 0.10 -2.86
N CYS A 31 3.31 -0.96 -2.43
CA CYS A 31 3.88 -1.03 -1.12
C CYS A 31 5.33 -0.56 -1.14
N ASN A 32 5.94 -0.50 0.02
CA ASN A 32 7.31 -0.09 0.16
C ASN A 32 8.28 -1.19 -0.27
N ARG A 33 8.03 -1.72 -1.45
CA ARG A 33 8.89 -2.71 -2.04
C ARG A 33 9.99 -2.02 -2.84
N CYS A 34 11.21 -2.07 -2.35
CA CYS A 34 12.32 -1.41 -3.02
C CYS A 34 13.55 -2.31 -2.98
N ALA A 1 -6.41 -5.41 -3.57
CA ALA A 1 -5.99 -4.20 -2.83
C ALA A 1 -6.30 -2.94 -3.64
N SER A 2 -7.17 -2.10 -3.09
CA SER A 2 -7.47 -0.82 -3.70
C SER A 2 -6.77 0.26 -2.90
N CYS A 3 -7.08 1.51 -3.19
CA CYS A 3 -6.45 2.60 -2.47
C CYS A 3 -7.20 3.90 -2.61
N ARG A 4 -7.07 4.67 -1.56
CA ARG A 4 -7.51 6.03 -1.48
C ARG A 4 -6.35 6.92 -1.09
N THR A 5 -5.35 6.28 -0.47
CA THR A 5 -4.13 6.91 0.00
C THR A 5 -3.11 5.82 0.34
N PRO A 6 -1.80 6.12 0.40
CA PRO A 6 -0.78 5.16 0.77
C PRO A 6 -1.10 4.47 2.10
N LYS A 7 -1.56 5.26 3.06
CA LYS A 7 -1.97 4.75 4.36
C LYS A 7 -3.18 3.84 4.25
N ASP A 8 -3.88 3.89 3.12
CA ASP A 8 -5.06 3.04 2.95
C ASP A 8 -4.63 1.64 2.56
N CYS A 9 -3.44 1.54 1.99
CA CYS A 9 -2.87 0.27 1.60
C CYS A 9 -1.91 -0.24 2.65
N ALA A 10 -1.83 0.45 3.77
CA ALA A 10 -0.90 0.08 4.83
C ALA A 10 -1.28 -1.26 5.43
N ASP A 11 -2.54 -1.63 5.30
CA ASP A 11 -2.99 -2.90 5.82
C ASP A 11 -2.67 -4.03 4.84
N PRO A 12 -3.05 -3.88 3.54
CA PRO A 12 -2.70 -4.84 2.50
C PRO A 12 -1.19 -4.98 2.33
N CYS A 13 -0.46 -3.87 2.37
CA CYS A 13 0.97 -3.90 2.18
C CYS A 13 1.65 -4.60 3.33
N ARG A 14 1.05 -4.53 4.50
CA ARG A 14 1.55 -5.23 5.66
C ARG A 14 1.26 -6.72 5.52
N LYS A 15 0.28 -7.07 4.70
CA LYS A 15 -0.02 -8.47 4.44
C LYS A 15 0.85 -8.99 3.31
N GLU A 16 1.06 -8.14 2.32
CA GLU A 16 1.79 -8.48 1.12
C GLU A 16 3.29 -8.46 1.35
N THR A 17 3.76 -7.34 1.85
CA THR A 17 5.19 -7.11 2.00
C THR A 17 5.57 -7.19 3.46
N GLY A 18 4.61 -6.90 4.31
CA GLY A 18 4.84 -6.90 5.74
C GLY A 18 5.13 -5.52 6.24
N CYS A 19 5.25 -4.59 5.32
CA CYS A 19 5.53 -3.22 5.64
C CYS A 19 4.27 -2.38 5.47
N PRO A 20 3.76 -1.78 6.55
CA PRO A 20 2.56 -0.93 6.50
C PRO A 20 2.85 0.44 5.89
N TYR A 21 3.67 0.45 4.84
CA TYR A 21 4.04 1.66 4.15
C TYR A 21 3.81 1.48 2.67
N GLY A 22 3.97 2.56 1.92
CA GLY A 22 3.78 2.49 0.48
C GLY A 22 3.41 3.81 -0.12
N LYS A 23 3.05 3.77 -1.39
CA LYS A 23 2.63 4.96 -2.14
C LYS A 23 1.50 4.59 -3.07
N CYS A 24 0.64 5.52 -3.37
CA CYS A 24 -0.55 5.21 -4.13
C CYS A 24 -0.48 5.83 -5.53
N MET A 25 -0.95 5.09 -6.53
CA MET A 25 -0.97 5.59 -7.90
C MET A 25 -2.33 6.19 -8.19
N ASN A 26 -2.51 6.73 -9.40
CA ASN A 26 -3.78 7.35 -9.84
C ASN A 26 -4.99 6.65 -9.23
N ARG A 27 -5.14 5.38 -9.51
CA ARG A 27 -6.10 4.55 -8.81
C ARG A 27 -5.51 3.15 -8.62
N LYS A 28 -4.23 3.14 -8.29
CA LYS A 28 -3.52 1.93 -7.93
C LYS A 28 -2.76 2.20 -6.66
N CYS A 29 -2.08 1.21 -6.17
CA CYS A 29 -1.27 1.38 -4.99
C CYS A 29 -0.04 0.50 -5.04
N LYS A 30 1.05 1.04 -4.54
CA LYS A 30 2.29 0.29 -4.43
C LYS A 30 2.79 0.36 -2.99
N CYS A 31 3.50 -0.65 -2.58
CA CYS A 31 4.05 -0.67 -1.26
C CYS A 31 5.42 -0.03 -1.25
N ASN A 32 5.96 0.13 -0.06
CA ASN A 32 7.29 0.68 0.12
C ASN A 32 8.26 -0.41 0.51
N ARG A 33 8.55 -1.28 -0.44
CA ARG A 33 9.55 -2.32 -0.23
C ARG A 33 10.89 -1.86 -0.79
N CYS A 34 11.69 -1.23 0.06
CA CYS A 34 13.00 -0.75 -0.34
C CYS A 34 13.96 -1.94 -0.44
N ALA A 1 -2.98 -4.66 -4.10
CA ALA A 1 -3.70 -3.84 -3.10
C ALA A 1 -4.40 -2.66 -3.76
N SER A 2 -5.57 -2.31 -3.23
CA SER A 2 -6.30 -1.17 -3.72
C SER A 2 -6.30 -0.09 -2.65
N CYS A 3 -5.89 1.10 -3.04
CA CYS A 3 -5.77 2.20 -2.10
C CYS A 3 -6.56 3.42 -2.55
N ARG A 4 -6.68 4.37 -1.63
CA ARG A 4 -7.22 5.69 -1.94
C ARG A 4 -6.15 6.73 -1.67
N THR A 5 -5.30 6.39 -0.71
CA THR A 5 -4.17 7.24 -0.34
C THR A 5 -2.92 6.38 -0.14
N PRO A 6 -1.73 6.99 -0.06
CA PRO A 6 -0.47 6.28 0.19
C PRO A 6 -0.57 5.36 1.40
N LYS A 7 -0.94 5.93 2.55
CA LYS A 7 -1.02 5.15 3.77
C LYS A 7 -2.24 4.25 3.78
N ASP A 8 -3.06 4.33 2.73
CA ASP A 8 -4.20 3.43 2.62
C ASP A 8 -3.74 2.05 2.17
N CYS A 9 -2.50 1.95 1.69
CA CYS A 9 -1.91 0.67 1.38
C CYS A 9 -1.25 0.08 2.60
N ALA A 10 -1.22 0.82 3.69
CA ALA A 10 -0.46 0.40 4.85
C ALA A 10 -1.00 -0.87 5.46
N ASP A 11 -2.28 -1.10 5.34
CA ASP A 11 -2.88 -2.33 5.84
C ASP A 11 -2.66 -3.46 4.83
N PRO A 12 -3.10 -3.29 3.56
CA PRO A 12 -2.87 -4.27 2.49
C PRO A 12 -1.39 -4.59 2.27
N CYS A 13 -0.50 -3.59 2.33
CA CYS A 13 0.93 -3.87 2.12
C CYS A 13 1.46 -4.62 3.32
N ARG A 14 0.89 -4.37 4.47
CA ARG A 14 1.20 -5.11 5.68
C ARG A 14 0.70 -6.56 5.56
N LYS A 15 -0.15 -6.82 4.57
CA LYS A 15 -0.60 -8.17 4.28
C LYS A 15 0.23 -8.76 3.16
N GLU A 16 0.57 -7.89 2.22
CA GLU A 16 1.27 -8.26 1.00
C GLU A 16 2.76 -8.46 1.25
N THR A 17 3.37 -7.52 1.96
CA THR A 17 4.79 -7.57 2.23
C THR A 17 5.04 -7.64 3.73
N GLY A 18 4.09 -7.10 4.48
CA GLY A 18 4.20 -7.09 5.93
C GLY A 18 4.51 -5.71 6.47
N CYS A 19 4.85 -4.80 5.56
CA CYS A 19 5.21 -3.46 5.93
C CYS A 19 4.04 -2.50 5.71
N PRO A 20 3.65 -1.75 6.75
CA PRO A 20 2.58 -0.76 6.64
C PRO A 20 3.07 0.53 6.00
N TYR A 21 3.64 0.41 4.80
CA TYR A 21 4.19 1.55 4.08
C TYR A 21 3.53 1.69 2.73
N GLY A 22 4.09 2.56 1.90
CA GLY A 22 3.70 2.62 0.52
C GLY A 22 3.03 3.93 0.14
N LYS A 23 2.88 4.10 -1.17
CA LYS A 23 2.21 5.25 -1.75
C LYS A 23 1.07 4.75 -2.62
N CYS A 24 0.20 5.62 -3.05
CA CYS A 24 -0.90 5.23 -3.91
C CYS A 24 -0.80 5.93 -5.25
N MET A 25 -1.03 5.22 -6.33
CA MET A 25 -0.93 5.78 -7.67
C MET A 25 -2.32 6.25 -8.12
N ASN A 26 -2.38 6.90 -9.28
CA ASN A 26 -3.63 7.44 -9.84
C ASN A 26 -4.82 6.53 -9.60
N ARG A 27 -4.66 5.25 -9.90
CA ARG A 27 -5.65 4.26 -9.49
C ARG A 27 -4.97 2.93 -9.24
N LYS A 28 -3.81 3.02 -8.61
CA LYS A 28 -3.03 1.85 -8.23
C LYS A 28 -2.36 2.12 -6.91
N CYS A 29 -1.59 1.17 -6.44
CA CYS A 29 -0.82 1.33 -5.23
C CYS A 29 0.63 1.08 -5.52
N LYS A 30 1.49 1.81 -4.83
CA LYS A 30 2.92 1.66 -4.99
C LYS A 30 3.56 1.63 -3.62
N CYS A 31 3.53 0.48 -3.03
CA CYS A 31 4.13 0.28 -1.73
C CYS A 31 5.57 -0.19 -1.87
N ASN A 32 6.20 -0.37 -0.73
CA ASN A 32 7.57 -0.88 -0.67
C ASN A 32 7.56 -2.38 -0.91
N ARG A 33 7.11 -2.76 -2.08
CA ARG A 33 6.98 -4.16 -2.44
C ARG A 33 8.33 -4.71 -2.90
N CYS A 34 9.15 -5.09 -1.94
CA CYS A 34 10.42 -5.73 -2.23
C CYS A 34 10.25 -7.24 -2.20
N ALA A 1 -3.15 -3.10 -4.97
CA ALA A 1 -4.51 -2.82 -4.47
C ALA A 1 -4.97 -1.42 -4.89
N SER A 2 -6.20 -1.33 -5.35
CA SER A 2 -6.79 -0.04 -5.73
C SER A 2 -7.07 0.79 -4.49
N CYS A 3 -6.35 1.89 -4.37
CA CYS A 3 -6.44 2.72 -3.19
C CYS A 3 -6.65 4.19 -3.54
N ARG A 4 -6.81 5.00 -2.51
CA ARG A 4 -6.97 6.43 -2.66
C ARG A 4 -5.81 7.14 -1.99
N THR A 5 -5.28 6.50 -0.96
CA THR A 5 -4.21 7.04 -0.16
C THR A 5 -3.34 5.91 0.42
N PRO A 6 -2.09 6.21 0.80
CA PRO A 6 -1.17 5.22 1.36
C PRO A 6 -1.70 4.68 2.68
N LYS A 7 -2.51 5.51 3.34
CA LYS A 7 -3.20 5.11 4.54
C LYS A 7 -4.15 3.95 4.25
N ASP A 8 -4.61 3.87 3.00
CA ASP A 8 -5.50 2.77 2.60
C ASP A 8 -4.75 1.45 2.61
N CYS A 9 -3.67 1.41 1.87
CA CYS A 9 -2.94 0.17 1.62
C CYS A 9 -1.93 -0.16 2.69
N ALA A 10 -1.90 0.60 3.76
CA ALA A 10 -0.92 0.33 4.81
C ALA A 10 -1.22 -0.99 5.50
N ASP A 11 -2.47 -1.40 5.48
CA ASP A 11 -2.85 -2.69 6.05
C ASP A 11 -2.65 -3.81 5.02
N PRO A 12 -3.17 -3.65 3.78
CA PRO A 12 -2.94 -4.61 2.70
C PRO A 12 -1.47 -4.80 2.40
N CYS A 13 -0.71 -3.71 2.36
CA CYS A 13 0.71 -3.81 2.07
C CYS A 13 1.46 -4.43 3.23
N ARG A 14 0.94 -4.26 4.43
CA ARG A 14 1.47 -4.95 5.59
C ARG A 14 1.20 -6.44 5.48
N LYS A 15 0.15 -6.80 4.74
CA LYS A 15 -0.13 -8.20 4.43
C LYS A 15 0.75 -8.64 3.25
N GLU A 16 0.85 -7.76 2.27
CA GLU A 16 1.52 -8.02 1.01
C GLU A 16 3.02 -8.17 1.20
N THR A 17 3.61 -7.13 1.74
CA THR A 17 5.06 -7.08 1.88
C THR A 17 5.44 -7.36 3.31
N GLY A 18 4.54 -7.00 4.21
CA GLY A 18 4.78 -7.18 5.61
C GLY A 18 5.10 -5.87 6.29
N CYS A 19 5.25 -4.85 5.48
CA CYS A 19 5.54 -3.52 5.96
C CYS A 19 4.32 -2.63 5.77
N PRO A 20 3.90 -1.92 6.83
CA PRO A 20 2.72 -1.04 6.78
C PRO A 20 3.01 0.28 6.07
N TYR A 21 3.74 0.21 4.98
CA TYR A 21 4.09 1.38 4.22
C TYR A 21 3.73 1.18 2.76
N GLY A 22 3.73 2.25 2.01
CA GLY A 22 3.42 2.19 0.60
C GLY A 22 3.09 3.55 0.03
N LYS A 23 2.92 3.61 -1.28
CA LYS A 23 2.56 4.82 -1.95
C LYS A 23 1.58 4.49 -3.06
N CYS A 24 0.61 5.32 -3.27
CA CYS A 24 -0.49 4.99 -4.15
C CYS A 24 -0.33 5.68 -5.51
N MET A 25 -0.77 5.01 -6.56
CA MET A 25 -0.76 5.58 -7.89
C MET A 25 -2.16 5.98 -8.26
N ASN A 26 -2.30 6.46 -9.49
CA ASN A 26 -3.56 6.99 -10.03
C ASN A 26 -4.79 6.25 -9.51
N ARG A 27 -4.74 4.93 -9.54
CA ARG A 27 -5.82 4.13 -8.98
C ARG A 27 -5.28 2.96 -8.17
N LYS A 28 -3.96 2.79 -8.16
CA LYS A 28 -3.38 1.57 -7.58
C LYS A 28 -2.20 1.89 -6.70
N CYS A 29 -2.24 1.38 -5.51
CA CYS A 29 -1.17 1.59 -4.55
C CYS A 29 -0.06 0.60 -4.77
N LYS A 30 1.14 1.03 -4.49
CA LYS A 30 2.30 0.17 -4.48
C LYS A 30 3.01 0.28 -3.15
N CYS A 31 3.27 -0.85 -2.57
CA CYS A 31 3.77 -0.95 -1.24
C CYS A 31 5.26 -0.69 -1.20
N ASN A 32 5.80 -0.50 0.01
CA ASN A 32 7.23 -0.36 0.21
C ASN A 32 7.96 -1.67 -0.09
N ARG A 33 7.99 -2.03 -1.36
CA ARG A 33 8.68 -3.21 -1.83
C ARG A 33 9.58 -2.83 -3.00
N CYS A 34 10.87 -2.91 -2.80
CA CYS A 34 11.82 -2.53 -3.83
C CYS A 34 13.10 -3.34 -3.70
N ALA A 1 -4.02 -5.41 -3.10
CA ALA A 1 -4.51 -4.34 -2.21
C ALA A 1 -5.06 -3.18 -3.03
N SER A 2 -6.24 -2.71 -2.64
CA SER A 2 -6.85 -1.56 -3.27
C SER A 2 -6.36 -0.31 -2.56
N CYS A 3 -6.70 0.85 -3.07
CA CYS A 3 -6.25 2.10 -2.47
C CYS A 3 -7.28 3.20 -2.52
N ARG A 4 -7.16 4.01 -1.51
CA ARG A 4 -7.89 5.26 -1.35
C ARG A 4 -6.87 6.38 -1.19
N THR A 5 -5.73 5.97 -0.65
CA THR A 5 -4.56 6.80 -0.40
C THR A 5 -3.41 5.86 0.00
N PRO A 6 -2.16 6.31 0.06
CA PRO A 6 -1.02 5.44 0.41
C PRO A 6 -1.24 4.76 1.76
N LYS A 7 -1.84 5.50 2.66
CA LYS A 7 -2.14 5.03 4.00
C LYS A 7 -3.21 3.95 3.97
N ASP A 8 -3.93 3.85 2.85
CA ASP A 8 -5.10 2.96 2.78
C ASP A 8 -4.66 1.52 2.60
N CYS A 9 -3.56 1.32 1.89
CA CYS A 9 -3.06 -0.03 1.62
C CYS A 9 -2.01 -0.43 2.62
N ALA A 10 -1.63 0.49 3.48
CA ALA A 10 -0.54 0.24 4.42
C ALA A 10 -0.90 -0.87 5.40
N ASP A 11 -2.17 -0.95 5.77
CA ASP A 11 -2.59 -1.97 6.72
C ASP A 11 -2.64 -3.33 6.05
N PRO A 12 -3.35 -3.47 4.89
CA PRO A 12 -3.31 -4.69 4.10
C PRO A 12 -1.88 -5.12 3.75
N CYS A 13 -1.03 -4.20 3.36
CA CYS A 13 0.34 -4.54 3.04
C CYS A 13 1.12 -4.95 4.30
N ARG A 14 0.70 -4.47 5.45
CA ARG A 14 1.24 -4.95 6.70
C ARG A 14 0.76 -6.39 6.99
N LYS A 15 -0.28 -6.80 6.29
CA LYS A 15 -0.73 -8.19 6.34
C LYS A 15 0.01 -9.01 5.29
N GLU A 16 0.13 -8.44 4.11
CA GLU A 16 0.68 -9.10 2.95
C GLU A 16 2.18 -9.27 3.07
N THR A 17 2.86 -8.18 3.37
CA THR A 17 4.30 -8.18 3.46
C THR A 17 4.78 -7.95 4.88
N GLY A 18 3.93 -7.28 5.65
CA GLY A 18 4.26 -6.96 7.01
C GLY A 18 4.73 -5.54 7.13
N CYS A 19 4.91 -4.90 5.98
CA CYS A 19 5.36 -3.52 5.93
C CYS A 19 4.16 -2.58 5.80
N PRO A 20 3.90 -1.78 6.84
CA PRO A 20 2.80 -0.81 6.82
C PRO A 20 3.19 0.46 6.05
N TYR A 21 3.87 0.26 4.92
CA TYR A 21 4.34 1.34 4.10
C TYR A 21 3.73 1.23 2.71
N GLY A 22 4.04 2.21 1.87
CA GLY A 22 3.56 2.18 0.52
C GLY A 22 3.14 3.55 0.02
N LYS A 23 2.86 3.64 -1.26
CA LYS A 23 2.42 4.87 -1.88
C LYS A 23 1.40 4.54 -2.96
N CYS A 24 0.43 5.39 -3.11
CA CYS A 24 -0.69 5.09 -3.99
C CYS A 24 -0.40 5.65 -5.39
N MET A 25 -0.83 4.91 -6.41
CA MET A 25 -0.71 5.37 -7.78
C MET A 25 -1.94 6.20 -8.09
N ASN A 26 -2.02 6.72 -9.31
CA ASN A 26 -3.13 7.59 -9.72
C ASN A 26 -4.46 7.09 -9.16
N ARG A 27 -4.78 5.84 -9.45
CA ARG A 27 -5.90 5.17 -8.79
C ARG A 27 -5.56 3.71 -8.51
N LYS A 28 -4.28 3.47 -8.25
CA LYS A 28 -3.78 2.15 -7.93
C LYS A 28 -2.95 2.28 -6.68
N CYS A 29 -2.38 1.22 -6.20
CA CYS A 29 -1.53 1.31 -5.04
C CYS A 29 -0.29 0.45 -5.20
N LYS A 30 0.81 0.92 -4.63
CA LYS A 30 2.01 0.14 -4.55
C LYS A 30 2.62 0.30 -3.17
N CYS A 31 3.04 -0.77 -2.61
CA CYS A 31 3.58 -0.74 -1.30
C CYS A 31 5.07 -0.94 -1.33
N ASN A 32 5.66 -0.90 -0.16
CA ASN A 32 7.09 -1.12 -0.01
C ASN A 32 7.33 -2.57 0.36
N ARG A 33 7.06 -3.45 -0.59
CA ARG A 33 7.25 -4.86 -0.39
C ARG A 33 8.72 -5.22 -0.60
N CYS A 34 9.31 -5.80 0.43
CA CYS A 34 10.68 -6.22 0.44
C CYS A 34 11.62 -5.02 0.24
N ALA A 1 -3.83 -4.32 -3.20
CA ALA A 1 -4.34 -3.24 -2.34
C ALA A 1 -5.19 -2.25 -3.14
N SER A 2 -6.32 -1.86 -2.57
CA SER A 2 -7.19 -0.86 -3.14
C SER A 2 -7.21 0.36 -2.22
N CYS A 3 -6.74 1.49 -2.73
CA CYS A 3 -6.47 2.65 -1.89
C CYS A 3 -7.24 3.88 -2.33
N ARG A 4 -7.28 4.84 -1.42
CA ARG A 4 -7.63 6.20 -1.74
C ARG A 4 -6.37 7.04 -1.61
N THR A 5 -5.58 6.67 -0.61
CA THR A 5 -4.31 7.29 -0.33
C THR A 5 -3.28 6.21 0.06
N PRO A 6 -2.00 6.57 0.26
CA PRO A 6 -0.96 5.61 0.68
C PRO A 6 -1.29 4.91 1.99
N LYS A 7 -1.80 5.69 2.96
CA LYS A 7 -2.14 5.13 4.27
C LYS A 7 -3.19 4.04 4.14
N ASP A 8 -3.95 4.08 3.06
CA ASP A 8 -4.99 3.06 2.84
C ASP A 8 -4.38 1.69 2.66
N CYS A 9 -3.22 1.63 2.04
CA CYS A 9 -2.58 0.36 1.75
C CYS A 9 -1.62 -0.05 2.84
N ALA A 10 -1.54 0.70 3.91
CA ALA A 10 -0.59 0.36 4.97
C ALA A 10 -0.98 -0.95 5.64
N ASP A 11 -2.25 -1.27 5.60
CA ASP A 11 -2.72 -2.53 6.13
C ASP A 11 -2.60 -3.62 5.07
N PRO A 12 -3.13 -3.40 3.84
CA PRO A 12 -3.01 -4.36 2.74
C PRO A 12 -1.56 -4.66 2.37
N CYS A 13 -0.70 -3.65 2.39
CA CYS A 13 0.68 -3.87 2.05
C CYS A 13 1.41 -4.58 3.17
N ARG A 14 0.93 -4.39 4.38
CA ARG A 14 1.36 -5.19 5.50
C ARG A 14 0.96 -6.65 5.31
N LYS A 15 -0.06 -6.89 4.50
CA LYS A 15 -0.48 -8.25 4.19
C LYS A 15 0.33 -8.78 3.01
N GLU A 16 0.51 -7.91 2.03
CA GLU A 16 1.06 -8.26 0.76
C GLU A 16 2.58 -8.28 0.77
N THR A 17 3.16 -7.32 1.44
CA THR A 17 4.61 -7.17 1.45
C THR A 17 5.16 -7.39 2.85
N GLY A 18 4.30 -7.19 3.84
CA GLY A 18 4.69 -7.36 5.21
C GLY A 18 5.15 -6.06 5.84
N CYS A 19 5.17 -5.02 5.05
CA CYS A 19 5.58 -3.71 5.50
C CYS A 19 4.39 -2.76 5.48
N PRO A 20 4.15 -2.07 6.60
CA PRO A 20 3.01 -1.14 6.71
C PRO A 20 3.28 0.21 6.03
N TYR A 21 4.03 0.19 4.95
CA TYR A 21 4.35 1.37 4.20
C TYR A 21 3.82 1.23 2.78
N GLY A 22 3.86 2.30 2.01
CA GLY A 22 3.40 2.24 0.66
C GLY A 22 2.98 3.58 0.12
N LYS A 23 2.68 3.61 -1.16
CA LYS A 23 2.21 4.80 -1.84
C LYS A 23 1.16 4.39 -2.86
N CYS A 24 0.14 5.20 -3.00
CA CYS A 24 -1.00 4.85 -3.84
C CYS A 24 -0.91 5.59 -5.16
N MET A 25 -1.18 4.89 -6.26
CA MET A 25 -1.09 5.47 -7.58
C MET A 25 -2.41 6.14 -7.92
N ASN A 26 -2.48 6.79 -9.07
CA ASN A 26 -3.69 7.48 -9.51
C ASN A 26 -4.93 6.62 -9.28
N ARG A 27 -4.86 5.39 -9.74
CA ARG A 27 -5.85 4.39 -9.37
C ARG A 27 -5.19 3.01 -9.30
N LYS A 28 -4.12 2.98 -8.53
CA LYS A 28 -3.43 1.75 -8.17
C LYS A 28 -2.78 1.97 -6.83
N CYS A 29 -2.06 1.00 -6.36
CA CYS A 29 -1.29 1.17 -5.15
C CYS A 29 0.00 0.39 -5.25
N LYS A 30 1.05 0.94 -4.67
CA LYS A 30 2.32 0.24 -4.59
C LYS A 30 2.84 0.28 -3.18
N CYS A 31 3.26 -0.84 -2.70
CA CYS A 31 3.74 -0.96 -1.37
C CYS A 31 5.21 -0.62 -1.32
N ASN A 32 5.67 -0.14 -0.18
CA ASN A 32 7.05 0.30 -0.04
C ASN A 32 7.96 -0.91 0.16
N ARG A 33 8.16 -1.66 -0.91
CA ARG A 33 9.13 -2.73 -0.90
C ARG A 33 10.50 -2.15 -1.25
N CYS A 34 11.20 -1.70 -0.22
CA CYS A 34 12.51 -1.13 -0.39
C CYS A 34 13.55 -2.07 0.20
N ALA A 1 -8.54 -5.37 -1.48
CA ALA A 1 -7.37 -4.47 -1.35
C ALA A 1 -7.43 -3.36 -2.39
N SER A 2 -7.70 -2.15 -1.93
CA SER A 2 -7.75 -0.99 -2.79
C SER A 2 -6.99 0.15 -2.13
N CYS A 3 -7.10 1.35 -2.68
CA CYS A 3 -6.42 2.50 -2.12
C CYS A 3 -7.14 3.79 -2.41
N ARG A 4 -6.93 4.70 -1.51
CA ARG A 4 -7.36 6.08 -1.65
C ARG A 4 -6.19 7.00 -1.39
N THR A 5 -5.20 6.45 -0.68
CA THR A 5 -4.00 7.17 -0.28
C THR A 5 -2.92 6.14 0.09
N PRO A 6 -1.63 6.52 0.15
CA PRO A 6 -0.54 5.59 0.43
C PRO A 6 -0.75 4.87 1.77
N LYS A 7 -1.16 5.64 2.79
CA LYS A 7 -1.39 5.07 4.11
C LYS A 7 -2.66 4.22 4.11
N ASP A 8 -3.46 4.32 3.05
CA ASP A 8 -4.69 3.53 2.97
C ASP A 8 -4.37 2.09 2.57
N CYS A 9 -3.16 1.89 2.10
CA CYS A 9 -2.69 0.58 1.69
C CYS A 9 -1.88 -0.05 2.80
N ALA A 10 -1.80 0.62 3.93
CA ALA A 10 -0.91 0.18 5.01
C ALA A 10 -1.28 -1.21 5.51
N ASP A 11 -2.56 -1.50 5.55
CA ASP A 11 -3.00 -2.81 6.03
C ASP A 11 -2.74 -3.88 4.97
N PRO A 12 -3.25 -3.70 3.73
CA PRO A 12 -2.94 -4.60 2.61
C PRO A 12 -1.43 -4.77 2.38
N CYS A 13 -0.66 -3.70 2.53
CA CYS A 13 0.78 -3.80 2.37
C CYS A 13 1.41 -4.56 3.51
N ARG A 14 0.80 -4.46 4.69
CA ARG A 14 1.22 -5.25 5.83
C ARG A 14 0.76 -6.71 5.66
N LYS A 15 -0.09 -6.94 4.67
CA LYS A 15 -0.60 -8.29 4.43
C LYS A 15 0.23 -8.94 3.35
N GLU A 16 0.61 -8.10 2.40
CA GLU A 16 1.34 -8.52 1.24
C GLU A 16 2.84 -8.51 1.52
N THR A 17 3.32 -7.40 2.05
CA THR A 17 4.74 -7.22 2.26
C THR A 17 5.06 -7.40 3.74
N GLY A 18 4.09 -7.04 4.57
CA GLY A 18 4.27 -7.09 5.99
C GLY A 18 4.61 -5.73 6.56
N CYS A 19 4.89 -4.81 5.65
CA CYS A 19 5.24 -3.45 6.03
C CYS A 19 4.09 -2.51 5.67
N PRO A 20 3.63 -1.70 6.64
CA PRO A 20 2.51 -0.79 6.43
C PRO A 20 2.89 0.49 5.69
N TYR A 21 3.78 0.37 4.71
CA TYR A 21 4.24 1.49 3.94
C TYR A 21 4.02 1.23 2.47
N GLY A 22 4.10 2.28 1.66
CA GLY A 22 3.87 2.16 0.24
C GLY A 22 3.61 3.49 -0.41
N LYS A 23 3.32 3.45 -1.71
CA LYS A 23 2.99 4.63 -2.48
C LYS A 23 1.87 4.29 -3.43
N CYS A 24 0.89 5.16 -3.52
CA CYS A 24 -0.30 4.87 -4.30
C CYS A 24 -0.30 5.68 -5.59
N MET A 25 -0.67 5.04 -6.70
CA MET A 25 -0.75 5.73 -7.97
C MET A 25 -2.17 6.25 -8.16
N ASN A 26 -2.41 6.92 -9.27
CA ASN A 26 -3.72 7.51 -9.59
C ASN A 26 -4.87 6.63 -9.15
N ARG A 27 -4.73 5.32 -9.37
CA ARG A 27 -5.72 4.38 -8.88
C ARG A 27 -5.06 3.03 -8.57
N LYS A 28 -3.73 3.01 -8.50
CA LYS A 28 -3.03 1.76 -8.28
C LYS A 28 -1.94 1.91 -7.24
N CYS A 29 -2.08 1.18 -6.18
CA CYS A 29 -1.19 1.32 -5.03
C CYS A 29 -0.08 0.28 -5.08
N LYS A 30 1.10 0.72 -4.73
CA LYS A 30 2.26 -0.13 -4.61
C LYS A 30 2.83 -0.01 -3.21
N CYS A 31 3.41 -1.06 -2.71
CA CYS A 31 3.92 -1.07 -1.37
C CYS A 31 5.37 -0.66 -1.33
N ASN A 32 5.85 -0.44 -0.12
CA ASN A 32 7.22 -0.03 0.09
C ASN A 32 8.07 -1.24 0.45
N ARG A 33 8.24 -2.13 -0.53
CA ARG A 33 9.09 -3.29 -0.37
C ARG A 33 10.53 -2.89 -0.11
N CYS A 34 10.93 -2.98 1.16
CA CYS A 34 12.29 -2.68 1.55
C CYS A 34 12.97 -3.95 2.04
N ALA A 1 -5.53 -4.78 -3.76
CA ALA A 1 -5.71 -3.54 -2.98
C ALA A 1 -6.55 -2.52 -3.74
N SER A 2 -7.32 -1.74 -3.01
CA SER A 2 -8.15 -0.70 -3.58
C SER A 2 -7.88 0.61 -2.84
N CYS A 3 -6.88 1.35 -3.28
CA CYS A 3 -6.38 2.48 -2.51
C CYS A 3 -7.28 3.69 -2.62
N ARG A 4 -7.02 4.59 -1.70
CA ARG A 4 -7.58 5.93 -1.71
C ARG A 4 -6.45 6.92 -1.45
N THR A 5 -5.35 6.40 -0.92
CA THR A 5 -4.20 7.18 -0.52
C THR A 5 -2.95 6.29 -0.60
N PRO A 6 -1.76 6.81 -0.32
CA PRO A 6 -0.57 5.98 -0.19
C PRO A 6 -0.59 5.18 1.11
N LYS A 7 -1.15 5.81 2.13
CA LYS A 7 -1.14 5.26 3.47
C LYS A 7 -2.13 4.11 3.62
N ASP A 8 -3.20 4.08 2.82
CA ASP A 8 -4.23 3.07 3.06
C ASP A 8 -3.84 1.71 2.49
N CYS A 9 -2.76 1.63 1.71
CA CYS A 9 -2.23 0.35 1.28
C CYS A 9 -1.27 -0.18 2.33
N ALA A 10 -1.02 0.61 3.35
CA ALA A 10 -0.09 0.22 4.40
C ALA A 10 -0.65 -0.94 5.21
N ASP A 11 -1.95 -1.11 5.18
CA ASP A 11 -2.58 -2.23 5.86
C ASP A 11 -2.52 -3.47 4.98
N PRO A 12 -2.95 -3.39 3.70
CA PRO A 12 -2.80 -4.50 2.77
C PRO A 12 -1.35 -4.94 2.65
N CYS A 13 -0.44 -3.98 2.54
CA CYS A 13 0.97 -4.34 2.45
C CYS A 13 1.46 -4.97 3.73
N ARG A 14 0.97 -4.48 4.86
CA ARG A 14 1.32 -5.07 6.15
C ARG A 14 0.74 -6.47 6.28
N LYS A 15 -0.28 -6.78 5.48
CA LYS A 15 -0.87 -8.11 5.50
C LYS A 15 -0.18 -8.99 4.46
N GLU A 16 0.18 -8.37 3.35
CA GLU A 16 0.79 -9.05 2.23
C GLU A 16 2.25 -9.35 2.50
N THR A 17 3.00 -8.34 2.90
CA THR A 17 4.43 -8.49 3.10
C THR A 17 4.82 -8.16 4.53
N GLY A 18 3.97 -7.40 5.20
CA GLY A 18 4.23 -7.02 6.56
C GLY A 18 4.80 -5.62 6.67
N CYS A 19 4.94 -4.96 5.53
CA CYS A 19 5.45 -3.60 5.49
C CYS A 19 4.29 -2.61 5.49
N PRO A 20 4.06 -1.89 6.61
CA PRO A 20 2.98 -0.91 6.69
C PRO A 20 3.33 0.40 5.99
N TYR A 21 3.74 0.30 4.73
CA TYR A 21 4.13 1.47 3.96
C TYR A 21 3.56 1.40 2.56
N GLY A 22 3.94 2.36 1.74
CA GLY A 22 3.54 2.37 0.36
C GLY A 22 3.09 3.72 -0.12
N LYS A 23 2.87 3.82 -1.42
CA LYS A 23 2.37 5.02 -2.06
C LYS A 23 1.44 4.63 -3.20
N CYS A 24 0.32 5.29 -3.33
CA CYS A 24 -0.61 4.95 -4.39
C CYS A 24 -0.64 6.03 -5.45
N MET A 25 -0.70 5.60 -6.70
CA MET A 25 -0.81 6.52 -7.82
C MET A 25 -2.26 6.73 -8.17
N ASN A 26 -2.49 7.45 -9.26
CA ASN A 26 -3.85 7.79 -9.74
C ASN A 26 -4.87 6.73 -9.41
N ARG A 27 -4.55 5.49 -9.73
CA ARG A 27 -5.34 4.36 -9.25
C ARG A 27 -4.45 3.13 -9.09
N LYS A 28 -3.15 3.34 -9.01
CA LYS A 28 -2.23 2.22 -8.89
C LYS A 28 -1.31 2.39 -7.70
N CYS A 29 -1.44 1.52 -6.76
CA CYS A 29 -0.70 1.60 -5.52
C CYS A 29 0.52 0.72 -5.58
N LYS A 30 1.62 1.25 -5.10
CA LYS A 30 2.84 0.49 -4.95
C LYS A 30 3.30 0.59 -3.51
N CYS A 31 3.82 -0.47 -2.99
CA CYS A 31 4.27 -0.49 -1.62
C CYS A 31 5.75 -0.20 -1.56
N ASN A 32 6.24 -0.05 -0.35
CA ASN A 32 7.68 -0.02 -0.11
C ASN A 32 8.16 -1.46 0.02
N ARG A 33 7.64 -2.25 -0.88
CA ARG A 33 7.98 -3.66 -0.98
C ARG A 33 9.24 -3.81 -1.84
N CYS A 34 10.33 -4.19 -1.22
CA CYS A 34 11.59 -4.34 -1.91
C CYS A 34 11.80 -5.78 -2.32
N ALA A 1 -8.05 -4.68 -2.27
CA ALA A 1 -7.16 -3.53 -2.00
C ALA A 1 -7.31 -2.45 -3.08
N SER A 2 -8.47 -1.80 -3.08
CA SER A 2 -8.69 -0.67 -3.97
C SER A 2 -8.31 0.61 -3.23
N CYS A 3 -7.07 1.02 -3.41
CA CYS A 3 -6.50 2.09 -2.61
C CYS A 3 -6.91 3.47 -3.09
N ARG A 4 -6.82 4.39 -2.15
CA ARG A 4 -7.13 5.80 -2.38
C ARG A 4 -5.94 6.65 -2.01
N THR A 5 -5.15 6.14 -1.07
CA THR A 5 -4.00 6.85 -0.52
C THR A 5 -3.05 5.86 0.16
N PRO A 6 -1.77 6.22 0.38
CA PRO A 6 -0.79 5.31 0.96
C PRO A 6 -1.26 4.70 2.28
N LYS A 7 -1.88 5.53 3.12
CA LYS A 7 -2.43 5.07 4.38
C LYS A 7 -3.59 4.10 4.19
N ASP A 8 -4.14 4.06 2.97
CA ASP A 8 -5.26 3.16 2.70
C ASP A 8 -4.74 1.76 2.43
N CYS A 9 -3.62 1.69 1.71
CA CYS A 9 -3.01 0.41 1.39
C CYS A 9 -2.02 0.00 2.45
N ALA A 10 -1.89 0.79 3.49
CA ALA A 10 -0.93 0.47 4.52
C ALA A 10 -1.31 -0.82 5.25
N ASP A 11 -2.59 -1.15 5.23
CA ASP A 11 -3.04 -2.41 5.81
C ASP A 11 -2.80 -3.55 4.82
N PRO A 12 -3.36 -3.48 3.59
CA PRO A 12 -3.07 -4.45 2.53
C PRO A 12 -1.58 -4.67 2.29
N CYS A 13 -0.79 -3.60 2.17
CA CYS A 13 0.65 -3.76 2.01
C CYS A 13 1.27 -4.43 3.23
N ARG A 14 0.69 -4.20 4.39
CA ARG A 14 1.15 -4.82 5.62
C ARG A 14 0.74 -6.30 5.66
N LYS A 15 -0.14 -6.70 4.75
CA LYS A 15 -0.50 -8.10 4.60
C LYS A 15 0.27 -8.71 3.44
N GLU A 16 0.43 -7.89 2.41
CA GLU A 16 1.08 -8.30 1.19
C GLU A 16 2.58 -8.43 1.36
N THR A 17 3.20 -7.39 1.90
CA THR A 17 4.65 -7.38 2.04
C THR A 17 5.04 -7.40 3.50
N GLY A 18 4.04 -7.25 4.34
CA GLY A 18 4.25 -7.26 5.78
C GLY A 18 4.60 -5.89 6.31
N CYS A 19 4.83 -4.95 5.40
CA CYS A 19 5.21 -3.60 5.77
C CYS A 19 4.04 -2.66 5.53
N PRO A 20 3.59 -1.94 6.57
CA PRO A 20 2.52 -0.93 6.45
C PRO A 20 3.02 0.36 5.79
N TYR A 21 3.82 0.20 4.75
CA TYR A 21 4.40 1.32 4.04
C TYR A 21 4.12 1.18 2.56
N GLY A 22 4.43 2.22 1.81
CA GLY A 22 4.21 2.20 0.38
C GLY A 22 3.76 3.53 -0.14
N LYS A 23 3.42 3.58 -1.41
CA LYS A 23 2.88 4.76 -2.01
C LYS A 23 1.75 4.36 -2.93
N CYS A 24 0.77 5.19 -3.07
CA CYS A 24 -0.44 4.82 -3.78
C CYS A 24 -0.67 5.71 -4.98
N MET A 25 -1.16 5.12 -6.06
CA MET A 25 -1.55 5.89 -7.22
C MET A 25 -3.04 6.15 -7.09
N ASN A 26 -3.57 7.03 -7.91
CA ASN A 26 -4.97 7.44 -7.81
C ASN A 26 -5.90 6.24 -7.60
N ARG A 27 -5.61 5.13 -8.25
CA ARG A 27 -6.44 3.94 -8.10
C ARG A 27 -5.62 2.69 -7.77
N LYS A 28 -4.28 2.79 -7.70
CA LYS A 28 -3.46 1.61 -7.49
C LYS A 28 -2.25 1.91 -6.63
N CYS A 29 -2.14 1.21 -5.56
CA CYS A 29 -1.05 1.41 -4.62
C CYS A 29 0.11 0.49 -4.94
N LYS A 30 1.31 0.94 -4.60
CA LYS A 30 2.49 0.10 -4.63
C LYS A 30 3.18 0.20 -3.30
N CYS A 31 3.53 -0.94 -2.75
CA CYS A 31 4.05 -1.02 -1.43
C CYS A 31 5.53 -0.67 -1.39
N ASN A 32 6.02 -0.48 -0.17
CA ASN A 32 7.40 -0.08 0.04
C ASN A 32 8.20 -1.27 0.55
N ARG A 33 8.24 -2.31 -0.26
CA ARG A 33 8.96 -3.53 0.07
C ARG A 33 10.46 -3.31 -0.08
N CYS A 34 11.13 -3.13 1.05
CA CYS A 34 12.57 -3.01 1.07
C CYS A 34 13.19 -4.26 1.69
#